data_4KVI
#
_entry.id   4KVI
#
_cell.length_a   123.397
_cell.length_b   123.397
_cell.length_c   201.605
_cell.angle_alpha   90.00
_cell.angle_beta   90.00
_cell.angle_gamma   120.00
#
_symmetry.space_group_name_H-M   'P 31 2 1'
#
loop_
_entity.id
_entity.type
_entity.pdbx_description
1 polymer 'Aristolochene synthase'
2 non-polymer 'MAGNESIUM ION'
3 non-polymer 'PYROPHOSPHATE 2-'
4 non-polymer (4aS,7S)-4a-methyl-7-(prop-1-en-2-yl)-2,3,4,4a,5,6,7,8-octahydroquinolinium
5 water water
#
_entity_poly.entity_id   1
_entity_poly.type   'polypeptide(L)'
_entity_poly.pdbx_seq_one_letter_code
;MHHHHHHLEPPPSTFQPLCHPLVEEVSKEVDGYFLQHWNFPNEKARKKFVAAGFSRVTCLYFPKALDDRIHFACRLLTVL
FLIDDLLEYMSFEEGSAYNEKLIPISRGDVLPDRSIPVEYIIYDLWESMRAHDREMADEILEPVFLFMRAQTDRTRARPM
GLGGYLEYRERDVGKELLAALMRFSMGLKLSPSELQRVREIDANCSKHLSVVNDIYSYEKELYTSKTAHSEGGILCTSVQ
ILAQEADVTAEAAKRVLFVMCREWELRHQLLVARLSAEGLETPGLAAYVEGLEYQMSGNELWSQTTLRYSVVVD
;
_entity_poly.pdbx_strand_id   A,B,C,D
#
# COMPACT_ATOMS: atom_id res chain seq x y z
N LEU A 8 -15.82 -39.46 -4.61
CA LEU A 8 -15.81 -38.02 -4.75
C LEU A 8 -14.55 -37.56 -5.49
N GLU A 9 -14.73 -37.16 -6.74
CA GLU A 9 -13.61 -36.70 -7.56
C GLU A 9 -13.39 -35.20 -7.39
N PRO A 10 -12.24 -34.82 -6.82
CA PRO A 10 -11.93 -33.40 -6.60
C PRO A 10 -11.73 -32.66 -7.91
N PRO A 11 -12.34 -31.47 -8.05
CA PRO A 11 -12.11 -30.61 -9.21
C PRO A 11 -10.66 -30.18 -9.27
N PRO A 12 -10.16 -29.81 -10.46
CA PRO A 12 -8.75 -29.44 -10.63
C PRO A 12 -8.30 -28.30 -9.73
N SER A 13 -7.08 -28.42 -9.21
CA SER A 13 -6.47 -27.37 -8.40
C SER A 13 -5.05 -27.13 -8.88
N THR A 14 -4.62 -25.87 -8.82
CA THR A 14 -3.27 -25.52 -9.24
C THR A 14 -2.29 -25.61 -8.06
N PHE A 15 -2.83 -25.83 -6.87
CA PHE A 15 -2.01 -25.89 -5.66
C PHE A 15 -1.26 -27.22 -5.58
N GLN A 16 0.06 -27.14 -5.33
CA GLN A 16 0.87 -28.32 -5.12
C GLN A 16 1.10 -28.52 -3.62
N PRO A 17 0.46 -29.56 -3.04
CA PRO A 17 0.66 -29.86 -1.62
C PRO A 17 2.11 -30.24 -1.32
N LEU A 18 2.60 -29.81 -0.17
CA LEU A 18 3.98 -30.08 0.25
C LEU A 18 3.99 -30.65 1.66
N CYS A 19 4.86 -31.62 1.91
CA CYS A 19 4.98 -32.20 3.23
C CYS A 19 6.36 -31.97 3.83
N HIS A 20 6.41 -31.71 5.14
CA HIS A 20 7.68 -31.50 5.82
C HIS A 20 8.55 -32.75 5.70
N PRO A 21 9.82 -32.58 5.32
CA PRO A 21 10.73 -33.69 5.04
C PRO A 21 10.98 -34.62 6.24
N LEU A 22 10.71 -34.15 7.45
CA LEU A 22 10.96 -34.95 8.63
C LEU A 22 9.69 -35.60 9.18
N VAL A 23 8.69 -35.75 8.31
CA VAL A 23 7.38 -36.24 8.73
C VAL A 23 7.44 -37.64 9.37
N GLU A 24 8.29 -38.51 8.84
CA GLU A 24 8.36 -39.88 9.32
C GLU A 24 8.89 -39.99 10.76
N GLU A 25 10.02 -39.32 11.02
CA GLU A 25 10.63 -39.40 12.35
C GLU A 25 9.83 -38.63 13.40
N VAL A 26 9.27 -37.49 13.00
CA VAL A 26 8.49 -36.68 13.94
C VAL A 26 7.18 -37.37 14.30
N SER A 27 6.55 -38.02 13.33
CA SER A 27 5.31 -38.75 13.58
C SER A 27 5.53 -39.88 14.58
N LYS A 28 6.61 -40.63 14.41
CA LYS A 28 6.94 -41.71 15.34
C LYS A 28 7.25 -41.14 16.72
N GLU A 29 7.97 -40.03 16.76
CA GLU A 29 8.29 -39.36 18.02
C GLU A 29 7.04 -38.92 18.76
N VAL A 30 6.16 -38.20 18.06
CA VAL A 30 4.98 -37.61 18.67
C VAL A 30 3.87 -38.63 18.96
N ASP A 31 3.61 -39.54 18.01
CA ASP A 31 2.66 -40.62 18.25
C ASP A 31 3.11 -41.45 19.45
N GLY A 32 4.40 -41.75 19.50
CA GLY A 32 4.98 -42.50 20.60
C GLY A 32 4.79 -41.82 21.94
N TYR A 33 4.93 -40.51 21.95
CA TYR A 33 4.74 -39.73 23.18
C TYR A 33 3.31 -39.89 23.69
N PHE A 34 2.34 -39.64 22.82
CA PHE A 34 0.94 -39.71 23.21
C PHE A 34 0.50 -41.14 23.57
N LEU A 35 1.09 -42.13 22.92
CA LEU A 35 0.79 -43.52 23.26
C LEU A 35 1.25 -43.87 24.66
N GLN A 36 2.31 -43.22 25.13
CA GLN A 36 2.79 -43.42 26.49
C GLN A 36 1.95 -42.65 27.50
N HIS A 37 1.60 -41.41 27.18
CA HIS A 37 1.01 -40.50 28.16
C HIS A 37 -0.52 -40.39 28.12
N TRP A 38 -1.10 -40.42 26.93
CA TRP A 38 -2.54 -40.24 26.79
C TRP A 38 -3.32 -41.47 27.22
N ASN A 39 -4.49 -41.23 27.83
CA ASN A 39 -5.34 -42.30 28.31
C ASN A 39 -6.37 -42.76 27.28
N PHE A 40 -6.03 -43.80 26.54
CA PHE A 40 -6.94 -44.37 25.55
C PHE A 40 -7.85 -45.43 26.20
N PRO A 41 -9.11 -45.50 25.75
CA PRO A 41 -10.08 -46.45 26.32
C PRO A 41 -9.75 -47.91 26.00
N ASN A 42 -9.14 -48.17 24.85
CA ASN A 42 -8.78 -49.53 24.47
C ASN A 42 -7.75 -49.57 23.35
N GLU A 43 -7.36 -50.79 22.96
CA GLU A 43 -6.35 -50.97 21.91
C GLU A 43 -6.89 -50.51 20.56
N LYS A 44 -8.19 -50.65 20.36
CA LYS A 44 -8.82 -50.18 19.13
C LYS A 44 -8.66 -48.67 18.97
N ALA A 45 -8.80 -47.94 20.07
CA ALA A 45 -8.65 -46.49 20.05
C ALA A 45 -7.19 -46.09 19.82
N ARG A 46 -6.27 -46.89 20.37
CA ARG A 46 -4.84 -46.63 20.20
C ARG A 46 -4.44 -46.79 18.74
N LYS A 47 -5.01 -47.79 18.08
CA LYS A 47 -4.74 -48.02 16.66
C LYS A 47 -5.36 -46.92 15.80
N LYS A 48 -6.58 -46.53 16.15
CA LYS A 48 -7.30 -45.49 15.42
C LYS A 48 -6.58 -44.16 15.53
N PHE A 49 -5.94 -43.92 16.67
CA PHE A 49 -5.15 -42.73 16.90
C PHE A 49 -4.00 -42.64 15.90
N VAL A 50 -3.22 -43.72 15.83
CA VAL A 50 -2.10 -43.81 14.91
C VAL A 50 -2.58 -43.72 13.45
N ALA A 51 -3.73 -44.35 13.19
CA ALA A 51 -4.30 -44.36 11.85
C ALA A 51 -4.65 -42.95 11.36
N ALA A 52 -4.99 -42.07 12.29
CA ALA A 52 -5.38 -40.70 11.94
C ALA A 52 -4.22 -39.93 11.30
N GLY A 53 -3.01 -40.16 11.81
CA GLY A 53 -1.84 -39.48 11.30
C GLY A 53 -1.85 -38.00 11.63
N PHE A 54 -1.95 -37.70 12.92
CA PHE A 54 -2.06 -36.32 13.39
C PHE A 54 -0.81 -35.47 13.15
N SER A 55 0.35 -36.11 13.16
CA SER A 55 1.59 -35.40 12.85
C SER A 55 1.73 -35.23 11.34
N ARG A 56 1.05 -36.08 10.58
CA ARG A 56 1.09 -36.01 9.13
C ARG A 56 0.32 -34.80 8.60
N VAL A 57 -0.81 -34.49 9.23
CA VAL A 57 -1.56 -33.28 8.89
C VAL A 57 -0.66 -32.08 9.11
N THR A 58 -0.11 -32.02 10.32
CA THR A 58 0.72 -30.92 10.76
C THR A 58 1.89 -30.68 9.80
N CYS A 59 2.51 -31.76 9.36
CA CYS A 59 3.64 -31.68 8.43
C CYS A 59 3.18 -31.29 7.02
N LEU A 60 1.90 -31.51 6.73
CA LEU A 60 1.31 -31.08 5.47
C LEU A 60 0.82 -29.65 5.57
N TYR A 61 0.44 -29.24 6.78
CA TYR A 61 0.00 -27.88 7.03
C TYR A 61 1.18 -26.91 7.02
N PHE A 62 2.28 -27.33 7.62
CA PHE A 62 3.47 -26.48 7.74
C PHE A 62 4.72 -27.16 7.21
N PRO A 63 4.79 -27.37 5.88
CA PRO A 63 5.90 -28.11 5.29
C PRO A 63 7.23 -27.36 5.33
N LYS A 64 7.20 -26.06 5.59
CA LYS A 64 8.43 -25.27 5.67
C LYS A 64 8.73 -24.82 7.09
N ALA A 65 8.17 -25.53 8.06
CA ALA A 65 8.51 -25.31 9.46
C ALA A 65 9.97 -25.65 9.69
N LEU A 66 10.62 -24.94 10.59
CA LEU A 66 11.99 -25.23 10.96
C LEU A 66 12.09 -26.64 11.54
N ASP A 67 13.19 -27.33 11.24
CA ASP A 67 13.35 -28.73 11.62
C ASP A 67 13.26 -28.97 13.13
N ASP A 68 13.69 -28.01 13.92
CA ASP A 68 13.68 -28.16 15.37
C ASP A 68 12.43 -27.57 16.02
N ARG A 69 11.45 -27.20 15.19
CA ARG A 69 10.22 -26.60 15.70
C ARG A 69 8.95 -27.33 15.23
N ILE A 70 9.08 -28.18 14.24
CA ILE A 70 7.93 -28.88 13.68
C ILE A 70 7.26 -29.80 14.70
N HIS A 71 8.05 -30.38 15.60
CA HIS A 71 7.50 -31.31 16.59
C HIS A 71 6.58 -30.61 17.58
N PHE A 72 6.87 -29.35 17.89
CA PHE A 72 6.00 -28.58 18.77
C PHE A 72 4.60 -28.47 18.17
N ALA A 73 4.55 -28.14 16.89
CA ALA A 73 3.28 -28.00 16.18
C ALA A 73 2.51 -29.31 16.14
N CYS A 74 3.24 -30.40 15.93
CA CYS A 74 2.63 -31.73 15.89
C CYS A 74 2.00 -32.09 17.23
N ARG A 75 2.71 -31.76 18.31
CA ARG A 75 2.21 -32.05 19.65
C ARG A 75 0.95 -31.26 19.96
N LEU A 76 0.89 -30.01 19.52
CA LEU A 76 -0.25 -29.14 19.81
C LEU A 76 -1.50 -29.56 19.06
N LEU A 77 -1.38 -29.79 17.76
CA LEU A 77 -2.53 -30.19 16.95
C LEU A 77 -3.04 -31.58 17.35
N THR A 78 -2.12 -32.44 17.77
CA THR A 78 -2.48 -33.78 18.21
C THR A 78 -3.37 -33.75 19.46
N VAL A 79 -2.94 -32.99 20.45
CA VAL A 79 -3.70 -32.90 21.70
C VAL A 79 -5.03 -32.18 21.51
N LEU A 80 -5.05 -31.18 20.63
CA LEU A 80 -6.29 -30.46 20.33
C LEU A 80 -7.27 -31.35 19.57
N PHE A 81 -6.75 -32.19 18.70
CA PHE A 81 -7.57 -33.16 17.98
C PHE A 81 -8.20 -34.15 18.96
N LEU A 82 -7.41 -34.62 19.92
CA LEU A 82 -7.89 -35.55 20.93
C LEU A 82 -8.97 -34.92 21.80
N ILE A 83 -8.77 -33.66 22.16
CA ILE A 83 -9.75 -32.93 22.95
C ILE A 83 -11.01 -32.67 22.12
N ASP A 84 -10.81 -32.37 20.85
CA ASP A 84 -11.93 -32.11 19.93
C ASP A 84 -12.89 -33.29 19.89
N ASP A 85 -12.35 -34.50 19.92
CA ASP A 85 -13.15 -35.71 19.93
C ASP A 85 -13.84 -35.94 21.28
N LEU A 86 -13.12 -35.66 22.36
CA LEU A 86 -13.67 -35.81 23.71
C LEU A 86 -14.89 -34.91 23.95
N LEU A 87 -14.83 -33.69 23.42
CA LEU A 87 -15.89 -32.71 23.60
C LEU A 87 -17.22 -33.17 23.00
N GLU A 88 -17.16 -34.11 22.06
CA GLU A 88 -18.39 -34.58 21.41
C GLU A 88 -19.28 -35.39 22.33
N TYR A 89 -18.73 -35.87 23.44
CA TYR A 89 -19.49 -36.63 24.41
C TYR A 89 -19.89 -35.80 25.63
N MET A 90 -19.67 -34.50 25.55
CA MET A 90 -20.01 -33.60 26.65
C MET A 90 -21.08 -32.61 26.22
N SER A 91 -21.76 -32.01 27.20
CA SER A 91 -22.65 -30.90 26.93
C SER A 91 -21.80 -29.67 26.67
N PHE A 92 -22.44 -28.58 26.25
CA PHE A 92 -21.74 -27.33 26.03
C PHE A 92 -21.14 -26.80 27.33
N GLU A 93 -21.87 -27.01 28.43
CA GLU A 93 -21.42 -26.57 29.74
C GLU A 93 -20.22 -27.39 30.22
N GLU A 94 -20.32 -28.70 30.11
CA GLU A 94 -19.23 -29.60 30.49
C GLU A 94 -18.00 -29.36 29.63
N GLY A 95 -18.22 -29.18 28.33
CA GLY A 95 -17.13 -28.95 27.40
C GLY A 95 -16.42 -27.65 27.70
N SER A 96 -17.19 -26.62 28.03
CA SER A 96 -16.64 -25.33 28.39
C SER A 96 -15.79 -25.42 29.65
N ALA A 97 -16.30 -26.15 30.65
CA ALA A 97 -15.57 -26.33 31.91
C ALA A 97 -14.26 -27.08 31.69
N TYR A 98 -14.32 -28.09 30.82
CA TYR A 98 -13.13 -28.87 30.46
C TYR A 98 -12.07 -27.98 29.84
N ASN A 99 -12.46 -27.22 28.83
CA ASN A 99 -11.53 -26.34 28.12
C ASN A 99 -10.98 -25.21 29.00
N GLU A 100 -11.87 -24.56 29.74
CA GLU A 100 -11.49 -23.41 30.57
C GLU A 100 -10.46 -23.78 31.63
N LYS A 101 -10.49 -25.03 32.06
CA LYS A 101 -9.52 -25.51 33.04
C LYS A 101 -8.12 -25.59 32.43
N LEU A 102 -8.06 -25.86 31.12
CA LEU A 102 -6.78 -26.02 30.44
C LEU A 102 -6.12 -24.69 30.06
N ILE A 103 -6.88 -23.60 30.16
CA ILE A 103 -6.40 -22.29 29.75
C ILE A 103 -5.34 -21.67 30.68
N PRO A 104 -5.61 -21.62 32.01
CA PRO A 104 -4.54 -21.11 32.88
C PRO A 104 -3.33 -22.03 32.86
N ILE A 105 -3.56 -23.31 32.63
CA ILE A 105 -2.47 -24.29 32.55
C ILE A 105 -1.64 -24.04 31.30
N SER A 106 -2.31 -23.73 30.19
CA SER A 106 -1.64 -23.40 28.94
C SER A 106 -0.76 -22.17 29.11
N ARG A 107 -1.26 -21.19 29.87
CA ARG A 107 -0.52 -19.97 30.14
C ARG A 107 0.67 -20.25 31.05
N GLY A 108 0.59 -21.33 31.81
CA GLY A 108 1.63 -21.68 32.76
C GLY A 108 1.39 -21.04 34.12
N ASP A 109 0.23 -20.42 34.28
CA ASP A 109 -0.11 -19.75 35.53
C ASP A 109 -0.54 -20.75 36.60
N VAL A 110 -0.99 -21.93 36.18
CA VAL A 110 -1.43 -22.96 37.11
C VAL A 110 -0.76 -24.29 36.81
N LEU A 111 -0.24 -24.93 37.85
CA LEU A 111 0.39 -26.24 37.73
C LEU A 111 -0.64 -27.31 37.37
N PRO A 112 -0.21 -28.34 36.61
CA PRO A 112 -1.11 -29.42 36.22
C PRO A 112 -1.22 -30.50 37.28
N ASP A 113 -2.36 -31.19 37.30
CA ASP A 113 -2.50 -32.40 38.09
C ASP A 113 -1.79 -33.50 37.33
N ARG A 114 -0.66 -33.95 37.87
CA ARG A 114 0.17 -34.94 37.19
C ARG A 114 -0.51 -36.29 36.98
N SER A 115 -1.64 -36.50 37.62
CA SER A 115 -2.39 -37.73 37.45
C SER A 115 -3.37 -37.64 36.29
N ILE A 116 -3.60 -36.42 35.81
CA ILE A 116 -4.49 -36.19 34.67
C ILE A 116 -3.66 -35.85 33.43
N PRO A 117 -3.54 -36.82 32.50
CA PRO A 117 -2.71 -36.71 31.30
C PRO A 117 -2.90 -35.41 30.51
N VAL A 118 -4.15 -35.05 30.21
CA VAL A 118 -4.41 -33.86 29.41
C VAL A 118 -3.87 -32.59 30.07
N GLU A 119 -3.88 -32.56 31.41
CA GLU A 119 -3.40 -31.40 32.12
C GLU A 119 -1.88 -31.23 32.01
N TYR A 120 -1.13 -32.29 32.23
CA TYR A 120 0.33 -32.18 32.20
C TYR A 120 0.91 -32.19 30.79
N ILE A 121 0.21 -32.84 29.86
CA ILE A 121 0.62 -32.82 28.46
C ILE A 121 0.55 -31.38 27.94
N ILE A 122 -0.54 -30.70 28.26
CA ILE A 122 -0.73 -29.30 27.88
C ILE A 122 0.31 -28.40 28.55
N TYR A 123 0.49 -28.58 29.85
CA TYR A 123 1.45 -27.77 30.61
C TYR A 123 2.87 -27.93 30.09
N ASP A 124 3.31 -29.18 29.97
CA ASP A 124 4.68 -29.47 29.53
C ASP A 124 4.93 -28.97 28.11
N LEU A 125 3.90 -29.04 27.27
CA LEU A 125 4.01 -28.60 25.88
C LEU A 125 4.31 -27.10 25.82
N TRP A 126 3.41 -26.31 26.41
CA TRP A 126 3.53 -24.85 26.36
C TRP A 126 4.80 -24.34 27.04
N GLU A 127 5.22 -25.05 28.09
CA GLU A 127 6.47 -24.72 28.76
C GLU A 127 7.66 -24.92 27.82
N SER A 128 7.64 -26.04 27.10
CA SER A 128 8.71 -26.34 26.15
C SER A 128 8.71 -25.38 24.97
N MET A 129 7.53 -24.93 24.57
CA MET A 129 7.41 -23.99 23.47
C MET A 129 7.94 -22.61 23.84
N ARG A 130 7.61 -22.15 25.04
CA ARG A 130 8.13 -20.88 25.55
C ARG A 130 9.63 -20.97 25.81
N ALA A 131 10.10 -22.17 26.13
CA ALA A 131 11.52 -22.39 26.35
C ALA A 131 12.31 -22.22 25.06
N HIS A 132 11.71 -22.61 23.94
CA HIS A 132 12.36 -22.52 22.64
C HIS A 132 12.27 -21.10 22.08
N ASP A 133 11.06 -20.55 22.08
CA ASP A 133 10.84 -19.20 21.59
C ASP A 133 9.68 -18.59 22.37
N ARG A 134 10.01 -17.82 23.40
CA ARG A 134 9.01 -17.30 24.33
C ARG A 134 8.05 -16.32 23.66
N GLU A 135 8.60 -15.39 22.89
CA GLU A 135 7.78 -14.35 22.25
C GLU A 135 6.77 -14.92 21.26
N MET A 136 7.20 -15.85 20.42
CA MET A 136 6.32 -16.40 19.40
C MET A 136 5.33 -17.42 19.97
N ALA A 137 5.74 -18.13 21.03
CA ALA A 137 4.85 -19.11 21.65
C ALA A 137 3.67 -18.41 22.32
N ASP A 138 3.94 -17.26 22.95
CA ASP A 138 2.91 -16.48 23.62
C ASP A 138 1.85 -15.95 22.65
N GLU A 139 2.25 -15.73 21.40
CA GLU A 139 1.34 -15.19 20.40
C GLU A 139 0.37 -16.24 19.85
N ILE A 140 0.56 -17.49 20.27
CA ILE A 140 -0.34 -18.56 19.89
C ILE A 140 -1.44 -18.74 20.94
N LEU A 141 -1.16 -18.25 22.16
CA LEU A 141 -2.05 -18.45 23.31
C LEU A 141 -3.49 -17.99 23.07
N GLU A 142 -3.68 -16.70 22.86
CA GLU A 142 -5.01 -16.15 22.62
C GLU A 142 -5.74 -16.73 21.40
N PRO A 143 -5.03 -16.95 20.27
CA PRO A 143 -5.71 -17.63 19.16
C PRO A 143 -6.20 -19.04 19.50
N VAL A 144 -5.44 -19.77 20.32
CA VAL A 144 -5.87 -21.10 20.74
C VAL A 144 -7.11 -21.02 21.63
N PHE A 145 -7.10 -20.08 22.58
CA PHE A 145 -8.21 -19.90 23.49
C PHE A 145 -9.47 -19.49 22.74
N LEU A 146 -9.30 -18.67 21.71
CA LEU A 146 -10.40 -18.24 20.86
C LEU A 146 -11.03 -19.47 20.20
N PHE A 147 -10.18 -20.38 19.74
CA PHE A 147 -10.62 -21.63 19.13
C PHE A 147 -11.34 -22.51 20.14
N MET A 148 -10.74 -22.68 21.32
CA MET A 148 -11.30 -23.54 22.36
C MET A 148 -12.68 -23.09 22.80
N ARG A 149 -12.86 -21.78 22.93
CA ARG A 149 -14.12 -21.23 23.40
C ARG A 149 -15.19 -21.27 22.30
N ALA A 150 -14.76 -21.35 21.05
CA ALA A 150 -15.67 -21.44 19.93
C ALA A 150 -16.27 -22.85 19.85
N GLN A 151 -15.52 -23.85 20.31
CA GLN A 151 -15.93 -25.25 20.23
C GLN A 151 -17.22 -25.54 21.01
N THR A 152 -17.46 -24.77 22.06
CA THR A 152 -18.64 -25.00 22.90
C THR A 152 -19.61 -23.83 22.84
N ASP A 153 -19.40 -22.96 21.85
CA ASP A 153 -20.26 -21.80 21.63
C ASP A 153 -21.71 -22.23 21.43
N ARG A 154 -22.63 -21.49 22.03
CA ARG A 154 -24.04 -21.82 21.97
C ARG A 154 -24.62 -21.66 20.55
N THR A 155 -23.93 -20.89 19.71
CA THR A 155 -24.37 -20.67 18.35
C THR A 155 -24.42 -21.97 17.53
N ARG A 156 -23.75 -23.01 18.03
CA ARG A 156 -23.78 -24.32 17.38
C ARG A 156 -25.18 -24.91 17.45
N ALA A 157 -25.94 -24.52 18.47
CA ALA A 157 -27.29 -25.02 18.67
C ALA A 157 -28.34 -24.09 18.05
N ARG A 158 -27.88 -23.14 17.24
CA ARG A 158 -28.79 -22.24 16.54
C ARG A 158 -28.67 -22.42 15.02
N PRO A 159 -29.78 -22.21 14.30
CA PRO A 159 -29.75 -22.29 12.83
C PRO A 159 -28.80 -21.25 12.26
N MET A 160 -28.00 -21.65 11.28
CA MET A 160 -27.06 -20.74 10.64
C MET A 160 -27.13 -20.83 9.13
N GLY A 161 -27.07 -19.68 8.47
CA GLY A 161 -26.93 -19.65 7.03
C GLY A 161 -25.47 -19.90 6.69
N LEU A 162 -25.17 -20.00 5.41
CA LEU A 162 -23.80 -20.27 4.97
C LEU A 162 -22.83 -19.17 5.39
N GLY A 163 -23.25 -17.92 5.26
CA GLY A 163 -22.44 -16.79 5.65
C GLY A 163 -22.14 -16.74 7.13
N GLY A 164 -23.18 -16.90 7.94
CA GLY A 164 -23.04 -16.87 9.39
C GLY A 164 -22.16 -18.00 9.91
N TYR A 165 -22.29 -19.16 9.29
CA TYR A 165 -21.52 -20.35 9.65
C TYR A 165 -20.03 -20.14 9.41
N LEU A 166 -19.69 -19.65 8.23
CA LEU A 166 -18.30 -19.45 7.83
C LEU A 166 -17.63 -18.41 8.74
N GLU A 167 -18.39 -17.42 9.16
CA GLU A 167 -17.89 -16.41 10.07
C GLU A 167 -17.57 -17.03 11.43
N TYR A 168 -18.46 -17.90 11.88
CA TYR A 168 -18.24 -18.61 13.14
C TYR A 168 -17.12 -19.62 13.03
N ARG A 169 -17.09 -20.34 11.91
CA ARG A 169 -16.24 -21.50 11.74
C ARG A 169 -14.76 -21.10 11.68
N GLU A 170 -14.49 -19.84 11.35
CA GLU A 170 -13.13 -19.31 11.35
C GLU A 170 -12.46 -19.48 12.70
N ARG A 171 -13.29 -19.40 13.75
CA ARG A 171 -12.83 -19.62 15.12
C ARG A 171 -12.85 -21.10 15.47
N ASP A 172 -13.91 -21.80 15.06
CA ASP A 172 -14.04 -23.23 15.37
C ASP A 172 -13.04 -24.09 14.61
N VAL A 173 -12.57 -23.59 13.47
CA VAL A 173 -11.56 -24.30 12.69
C VAL A 173 -10.16 -23.89 13.13
N GLY A 174 -10.09 -22.86 13.97
CA GLY A 174 -8.83 -22.41 14.53
C GLY A 174 -7.91 -21.71 13.54
N LYS A 175 -8.50 -20.87 12.68
CA LYS A 175 -7.74 -20.16 11.66
C LYS A 175 -6.58 -19.35 12.25
N GLU A 176 -6.87 -18.55 13.27
CA GLU A 176 -5.84 -17.71 13.88
C GLU A 176 -4.75 -18.54 14.56
N LEU A 177 -5.14 -19.63 15.22
CA LEU A 177 -4.14 -20.46 15.88
C LEU A 177 -3.22 -21.10 14.85
N LEU A 178 -3.79 -21.54 13.73
CA LEU A 178 -3.01 -22.12 12.65
C LEU A 178 -2.03 -21.10 12.08
N ALA A 179 -2.45 -19.84 12.04
CA ALA A 179 -1.61 -18.77 11.54
C ALA A 179 -0.45 -18.50 12.48
N ALA A 180 -0.76 -18.37 13.77
CA ALA A 180 0.25 -18.11 14.78
C ALA A 180 1.17 -19.32 14.95
N LEU A 181 0.61 -20.52 14.82
CA LEU A 181 1.40 -21.75 14.92
C LEU A 181 2.37 -21.86 13.76
N MET A 182 1.89 -21.51 12.56
CA MET A 182 2.71 -21.56 11.37
C MET A 182 3.90 -20.62 11.50
N ARG A 183 3.64 -19.41 11.96
CA ARG A 183 4.70 -18.41 12.13
C ARG A 183 5.72 -18.83 13.18
N PHE A 184 5.23 -19.39 14.29
CA PHE A 184 6.10 -19.94 15.33
C PHE A 184 7.01 -21.03 14.75
N SER A 185 6.39 -21.95 14.01
CA SER A 185 7.10 -23.12 13.48
C SER A 185 8.13 -22.73 12.44
N MET A 186 7.88 -21.61 11.75
CA MET A 186 8.79 -21.14 10.71
C MET A 186 9.74 -20.07 11.23
N GLY A 187 9.49 -19.60 12.45
CA GLY A 187 10.24 -18.50 13.01
C GLY A 187 10.00 -17.25 12.18
N LEU A 188 8.80 -17.16 11.62
CA LEU A 188 8.43 -16.08 10.71
C LEU A 188 7.74 -14.95 11.45
N LYS A 189 8.45 -13.85 11.63
CA LYS A 189 7.89 -12.71 12.36
C LYS A 189 7.34 -11.65 11.41
N LEU A 190 6.16 -11.13 11.75
CA LEU A 190 5.52 -10.09 10.96
C LEU A 190 5.13 -8.93 11.86
N SER A 191 5.26 -7.72 11.33
CA SER A 191 4.85 -6.52 12.05
C SER A 191 3.33 -6.48 12.10
N PRO A 192 2.76 -5.69 13.04
CA PRO A 192 1.31 -5.53 13.08
C PRO A 192 0.75 -4.95 11.78
N SER A 193 1.55 -4.15 11.09
CA SER A 193 1.15 -3.59 9.81
C SER A 193 1.03 -4.67 8.74
N GLU A 194 1.99 -5.60 8.74
CA GLU A 194 1.98 -6.71 7.80
C GLU A 194 0.79 -7.64 8.06
N LEU A 195 0.53 -7.90 9.32
CA LEU A 195 -0.58 -8.77 9.73
C LEU A 195 -1.92 -8.18 9.32
N GLN A 196 -2.05 -6.86 9.43
CA GLN A 196 -3.29 -6.17 9.09
C GLN A 196 -3.56 -6.23 7.58
N ARG A 197 -2.49 -6.21 6.79
CA ARG A 197 -2.62 -6.16 5.33
C ARG A 197 -3.19 -7.43 4.72
N VAL A 198 -2.96 -8.57 5.35
CA VAL A 198 -3.37 -9.85 4.79
C VAL A 198 -4.65 -10.42 5.41
N ARG A 199 -5.45 -9.55 6.01
CA ARG A 199 -6.65 -9.99 6.72
C ARG A 199 -7.69 -10.58 5.79
N GLU A 200 -7.84 -10.00 4.61
CA GLU A 200 -8.80 -10.49 3.63
C GLU A 200 -8.33 -11.85 3.09
N ILE A 201 -7.02 -11.99 2.95
CA ILE A 201 -6.41 -13.25 2.53
C ILE A 201 -6.62 -14.33 3.59
N ASP A 202 -6.50 -13.95 4.86
CA ASP A 202 -6.75 -14.86 5.96
C ASP A 202 -8.18 -15.37 5.98
N ALA A 203 -9.13 -14.45 5.81
CA ALA A 203 -10.55 -14.79 5.86
C ALA A 203 -10.93 -15.74 4.72
N ASN A 204 -10.37 -15.50 3.54
CA ASN A 204 -10.61 -16.36 2.38
C ASN A 204 -10.04 -17.77 2.60
N CYS A 205 -8.82 -17.84 3.10
CA CYS A 205 -8.16 -19.10 3.41
C CYS A 205 -8.97 -19.92 4.43
N SER A 206 -9.57 -19.23 5.40
CA SER A 206 -10.33 -19.88 6.45
C SER A 206 -11.53 -20.65 5.91
N LYS A 207 -12.20 -20.06 4.92
CA LYS A 207 -13.35 -20.68 4.29
C LYS A 207 -12.94 -21.97 3.57
N HIS A 208 -11.79 -21.93 2.91
CA HIS A 208 -11.27 -23.08 2.17
C HIS A 208 -10.99 -24.24 3.13
N LEU A 209 -10.21 -23.97 4.18
CA LEU A 209 -9.89 -24.95 5.20
C LEU A 209 -11.15 -25.56 5.82
N SER A 210 -12.11 -24.71 6.17
CA SER A 210 -13.32 -25.14 6.84
C SER A 210 -14.16 -26.07 5.96
N VAL A 211 -14.45 -25.61 4.74
CA VAL A 211 -15.32 -26.35 3.83
C VAL A 211 -14.68 -27.64 3.33
N VAL A 212 -13.38 -27.61 3.06
CA VAL A 212 -12.66 -28.83 2.66
C VAL A 212 -12.75 -29.88 3.76
N ASN A 213 -12.58 -29.44 5.01
CA ASN A 213 -12.76 -30.33 6.14
C ASN A 213 -14.20 -30.83 6.27
N ASP A 214 -15.15 -29.91 6.11
CA ASP A 214 -16.57 -30.26 6.19
C ASP A 214 -16.91 -31.36 5.19
N ILE A 215 -16.37 -31.22 3.99
CA ILE A 215 -16.62 -32.16 2.91
C ILE A 215 -16.17 -33.59 3.27
N TYR A 216 -14.96 -33.72 3.77
CA TYR A 216 -14.39 -35.04 4.02
C TYR A 216 -14.75 -35.62 5.39
N SER A 217 -15.12 -34.76 6.34
CA SER A 217 -15.43 -35.22 7.69
C SER A 217 -16.92 -35.38 7.93
N TYR A 218 -17.73 -35.24 6.88
CA TYR A 218 -19.18 -35.28 7.03
C TYR A 218 -19.71 -36.61 7.58
N GLU A 219 -19.27 -37.72 6.98
CA GLU A 219 -19.73 -39.04 7.40
C GLU A 219 -19.40 -39.32 8.87
N LYS A 220 -18.20 -38.92 9.27
CA LYS A 220 -17.78 -39.04 10.66
C LYS A 220 -18.70 -38.27 11.59
N GLU A 221 -19.04 -37.05 11.19
CA GLU A 221 -19.81 -36.14 12.04
C GLU A 221 -21.31 -36.42 11.99
N LEU A 222 -21.77 -37.05 10.92
CA LEU A 222 -23.16 -37.48 10.82
C LEU A 222 -23.38 -38.60 11.82
N TYR A 223 -22.46 -39.57 11.82
CA TYR A 223 -22.51 -40.68 12.75
C TYR A 223 -22.42 -40.19 14.20
N THR A 224 -21.54 -39.22 14.42
CA THR A 224 -21.36 -38.63 15.74
C THR A 224 -22.65 -37.99 16.24
N SER A 225 -23.34 -37.27 15.37
CA SER A 225 -24.57 -36.59 15.74
C SER A 225 -25.69 -37.56 16.14
N LYS A 226 -25.55 -38.82 15.73
CA LYS A 226 -26.57 -39.83 15.98
C LYS A 226 -26.23 -40.70 17.19
N THR A 227 -25.01 -40.57 17.69
CA THR A 227 -24.52 -41.45 18.76
C THR A 227 -23.90 -40.73 19.95
N ALA A 228 -23.35 -39.55 19.72
CA ALA A 228 -22.71 -38.83 20.82
C ALA A 228 -23.69 -37.99 21.62
N HIS A 229 -23.16 -36.99 22.32
CA HIS A 229 -24.01 -36.10 23.10
C HIS A 229 -24.90 -35.24 22.22
N SER A 230 -26.08 -34.89 22.73
CA SER A 230 -27.06 -34.14 21.95
C SER A 230 -26.55 -32.72 21.64
N GLU A 231 -25.65 -32.21 22.48
CA GLU A 231 -25.07 -30.89 22.27
C GLU A 231 -23.68 -30.99 21.68
N GLY A 232 -22.81 -31.78 22.31
CA GLY A 232 -21.44 -31.90 21.88
C GLY A 232 -21.29 -32.53 20.50
N GLY A 233 -22.19 -33.44 20.16
CA GLY A 233 -22.11 -34.15 18.89
C GLY A 233 -22.90 -33.50 17.78
N ILE A 234 -23.45 -32.32 18.05
CA ILE A 234 -24.33 -31.65 17.11
C ILE A 234 -23.71 -31.45 15.72
N LEU A 235 -24.51 -31.66 14.69
CA LEU A 235 -24.05 -31.53 13.31
C LEU A 235 -23.95 -30.05 12.94
N CYS A 236 -22.72 -29.58 12.76
CA CYS A 236 -22.47 -28.18 12.45
C CYS A 236 -21.48 -28.10 11.30
N THR A 237 -22.00 -28.03 10.09
CA THR A 237 -21.15 -28.11 8.90
C THR A 237 -21.81 -27.50 7.67
N SER A 238 -21.00 -27.01 6.75
CA SER A 238 -21.48 -26.37 5.53
C SER A 238 -22.18 -27.37 4.61
N VAL A 239 -21.82 -28.64 4.72
CA VAL A 239 -22.44 -29.69 3.92
C VAL A 239 -23.92 -29.80 4.25
N GLN A 240 -24.22 -29.89 5.55
CA GLN A 240 -25.61 -30.00 6.00
C GLN A 240 -26.39 -28.72 5.71
N ILE A 241 -25.71 -27.58 5.83
CA ILE A 241 -26.35 -26.29 5.60
C ILE A 241 -26.74 -26.09 4.14
N LEU A 242 -25.80 -26.36 3.23
CA LEU A 242 -26.08 -26.22 1.80
C LEU A 242 -27.11 -27.25 1.33
N ALA A 243 -27.00 -28.47 1.81
CA ALA A 243 -27.94 -29.52 1.46
C ALA A 243 -29.35 -29.12 1.89
N GLN A 244 -29.43 -28.47 3.03
CA GLN A 244 -30.70 -28.01 3.57
C GLN A 244 -31.24 -26.81 2.79
N GLU A 245 -30.38 -25.82 2.53
CA GLU A 245 -30.79 -24.61 1.83
C GLU A 245 -31.13 -24.84 0.37
N ALA A 246 -30.43 -25.77 -0.27
CA ALA A 246 -30.63 -26.01 -1.70
C ALA A 246 -31.49 -27.25 -1.97
N ASP A 247 -31.85 -27.94 -0.89
CA ASP A 247 -32.66 -29.15 -0.96
C ASP A 247 -32.02 -30.23 -1.85
N VAL A 248 -30.78 -30.56 -1.56
CA VAL A 248 -30.08 -31.65 -2.24
C VAL A 248 -29.48 -32.59 -1.20
N THR A 249 -28.96 -33.74 -1.66
CA THR A 249 -28.33 -34.69 -0.76
C THR A 249 -27.01 -34.12 -0.25
N ALA A 250 -26.47 -34.75 0.79
CA ALA A 250 -25.19 -34.33 1.35
C ALA A 250 -24.08 -34.49 0.33
N GLU A 251 -24.15 -35.55 -0.47
CA GLU A 251 -23.14 -35.84 -1.46
C GLU A 251 -23.17 -34.80 -2.59
N ALA A 252 -24.37 -34.37 -2.94
CA ALA A 252 -24.54 -33.32 -3.94
C ALA A 252 -23.99 -32.00 -3.40
N ALA A 253 -24.21 -31.74 -2.12
CA ALA A 253 -23.71 -30.54 -1.49
C ALA A 253 -22.19 -30.51 -1.48
N LYS A 254 -21.58 -31.68 -1.31
CA LYS A 254 -20.12 -31.81 -1.33
C LYS A 254 -19.54 -31.37 -2.67
N ARG A 255 -20.12 -31.86 -3.75
CA ARG A 255 -19.63 -31.56 -5.10
C ARG A 255 -19.71 -30.06 -5.38
N VAL A 256 -20.79 -29.44 -4.96
CA VAL A 256 -20.99 -28.01 -5.15
C VAL A 256 -20.00 -27.20 -4.31
N LEU A 257 -19.86 -27.60 -3.04
CA LEU A 257 -18.93 -26.94 -2.13
C LEU A 257 -17.48 -27.05 -2.61
N PHE A 258 -17.14 -28.17 -3.23
CA PHE A 258 -15.78 -28.39 -3.71
C PHE A 258 -15.45 -27.39 -4.82
N VAL A 259 -16.44 -27.08 -5.64
CA VAL A 259 -16.27 -26.10 -6.71
C VAL A 259 -16.03 -24.71 -6.13
N MET A 260 -16.76 -24.39 -5.08
CA MET A 260 -16.59 -23.12 -4.37
C MET A 260 -15.20 -23.00 -3.76
N CYS A 261 -14.68 -24.11 -3.26
CA CYS A 261 -13.33 -24.14 -2.70
C CYS A 261 -12.30 -23.74 -3.75
N ARG A 262 -12.51 -24.18 -4.99
CA ARG A 262 -11.60 -23.83 -6.08
C ARG A 262 -11.70 -22.35 -6.42
N GLU A 263 -12.89 -21.78 -6.25
CA GLU A 263 -13.08 -20.35 -6.45
C GLU A 263 -12.34 -19.56 -5.38
N TRP A 264 -12.29 -20.10 -4.17
CA TRP A 264 -11.55 -19.48 -3.08
C TRP A 264 -10.05 -19.58 -3.34
N GLU A 265 -9.62 -20.63 -4.02
CA GLU A 265 -8.23 -20.77 -4.41
C GLU A 265 -7.86 -19.71 -5.44
N LEU A 266 -8.77 -19.49 -6.39
CA LEU A 266 -8.58 -18.45 -7.40
C LEU A 266 -8.53 -17.08 -6.75
N ARG A 267 -9.40 -16.85 -5.77
CA ARG A 267 -9.43 -15.58 -5.06
C ARG A 267 -8.15 -15.36 -4.25
N HIS A 268 -7.61 -16.44 -3.68
CA HIS A 268 -6.35 -16.36 -2.95
C HIS A 268 -5.25 -15.82 -3.85
N GLN A 269 -5.13 -16.40 -5.05
CA GLN A 269 -4.14 -15.98 -6.03
C GLN A 269 -4.34 -14.52 -6.45
N LEU A 270 -5.59 -14.14 -6.65
CA LEU A 270 -5.93 -12.77 -7.04
C LEU A 270 -5.50 -11.78 -5.98
N LEU A 271 -5.83 -12.07 -4.72
CA LEU A 271 -5.49 -11.19 -3.60
C LEU A 271 -3.99 -11.09 -3.41
N VAL A 272 -3.28 -12.21 -3.59
CA VAL A 272 -1.83 -12.22 -3.48
C VAL A 272 -1.20 -11.37 -4.59
N ALA A 273 -1.72 -11.51 -5.80
CA ALA A 273 -1.23 -10.74 -6.95
C ALA A 273 -1.45 -9.25 -6.72
N ARG A 274 -2.61 -8.90 -6.16
CA ARG A 274 -2.95 -7.51 -5.90
C ARG A 274 -2.07 -6.92 -4.81
N LEU A 275 -1.74 -7.73 -3.80
CA LEU A 275 -0.85 -7.31 -2.72
C LEU A 275 0.53 -6.95 -3.29
N SER A 276 0.95 -7.69 -4.30
CA SER A 276 2.23 -7.44 -4.96
C SER A 276 2.14 -6.30 -5.97
N ALA A 277 0.98 -6.17 -6.61
CA ALA A 277 0.75 -5.11 -7.58
C ALA A 277 0.73 -3.76 -6.89
N GLU A 278 0.16 -3.74 -5.68
CA GLU A 278 0.27 -2.58 -4.81
C GLU A 278 1.65 -2.62 -4.18
N GLY A 279 1.97 -1.67 -3.32
CA GLY A 279 3.31 -1.62 -2.76
C GLY A 279 3.49 -2.48 -1.52
N LEU A 280 2.48 -3.31 -1.22
CA LEU A 280 2.36 -3.93 0.09
C LEU A 280 3.08 -5.27 0.27
N GLU A 281 3.78 -5.73 -0.77
CA GLU A 281 4.50 -7.00 -0.69
C GLU A 281 5.82 -6.87 0.08
N THR A 282 6.02 -7.76 1.06
CA THR A 282 7.27 -7.83 1.80
C THR A 282 7.76 -9.27 1.78
N PRO A 283 9.07 -9.49 2.01
CA PRO A 283 9.61 -10.86 2.07
C PRO A 283 8.87 -11.73 3.09
N GLY A 284 8.56 -11.17 4.24
CA GLY A 284 7.82 -11.88 5.28
C GLY A 284 6.42 -12.24 4.84
N LEU A 285 5.74 -11.29 4.20
CA LEU A 285 4.37 -11.51 3.73
C LEU A 285 4.32 -12.51 2.59
N ALA A 286 5.35 -12.51 1.76
CA ALA A 286 5.45 -13.46 0.65
C ALA A 286 5.55 -14.88 1.20
N ALA A 287 6.36 -15.06 2.23
CA ALA A 287 6.51 -16.35 2.88
C ALA A 287 5.22 -16.75 3.59
N TYR A 288 4.53 -15.75 4.14
CA TYR A 288 3.29 -15.98 4.87
C TYR A 288 2.15 -16.47 3.98
N VAL A 289 1.85 -15.72 2.92
CA VAL A 289 0.75 -16.09 2.03
C VAL A 289 1.03 -17.39 1.28
N GLU A 290 2.31 -17.69 1.07
CA GLU A 290 2.70 -18.96 0.49
C GLU A 290 2.43 -20.08 1.49
N GLY A 291 2.70 -19.80 2.75
CA GLY A 291 2.44 -20.74 3.83
C GLY A 291 0.96 -21.06 3.97
N LEU A 292 0.12 -20.05 3.76
CA LEU A 292 -1.33 -20.25 3.81
C LEU A 292 -1.81 -21.17 2.70
N GLU A 293 -1.15 -21.09 1.54
CA GLU A 293 -1.50 -21.97 0.43
C GLU A 293 -1.22 -23.43 0.80
N TYR A 294 -0.09 -23.65 1.47
CA TYR A 294 0.30 -24.99 1.92
C TYR A 294 -0.73 -25.55 2.89
N GLN A 295 -1.27 -24.69 3.75
CA GLN A 295 -2.31 -25.09 4.68
C GLN A 295 -3.53 -25.60 3.92
N MET A 296 -3.93 -24.87 2.88
CA MET A 296 -5.10 -25.24 2.08
C MET A 296 -4.91 -26.55 1.32
N SER A 297 -3.78 -26.69 0.61
CA SER A 297 -3.52 -27.90 -0.16
C SER A 297 -3.17 -29.09 0.73
N GLY A 298 -2.43 -28.82 1.81
CA GLY A 298 -2.05 -29.86 2.74
C GLY A 298 -3.26 -30.42 3.47
N ASN A 299 -4.16 -29.54 3.87
CA ASN A 299 -5.39 -29.96 4.54
C ASN A 299 -6.22 -30.87 3.63
N GLU A 300 -6.26 -30.53 2.35
CA GLU A 300 -7.01 -31.32 1.37
C GLU A 300 -6.40 -32.70 1.15
N LEU A 301 -5.08 -32.74 0.96
CA LEU A 301 -4.38 -34.00 0.74
C LEU A 301 -4.58 -34.95 1.93
N TRP A 302 -4.38 -34.42 3.13
CA TRP A 302 -4.55 -35.24 4.32
C TRP A 302 -5.99 -35.73 4.46
N SER A 303 -6.94 -34.84 4.21
CA SER A 303 -8.37 -35.17 4.33
C SER A 303 -8.77 -36.29 3.37
N GLN A 304 -8.16 -36.31 2.19
CA GLN A 304 -8.45 -37.30 1.17
C GLN A 304 -7.90 -38.68 1.51
N THR A 305 -6.93 -38.73 2.42
CA THR A 305 -6.18 -39.96 2.66
C THR A 305 -6.28 -40.51 4.08
N THR A 306 -6.60 -39.66 5.04
CA THR A 306 -6.64 -40.09 6.44
C THR A 306 -7.79 -41.07 6.73
N LEU A 307 -7.50 -42.06 7.55
CA LEU A 307 -8.49 -43.07 7.92
C LEU A 307 -9.50 -42.52 8.91
N ARG A 308 -9.19 -41.36 9.48
CA ARG A 308 -10.09 -40.67 10.40
C ARG A 308 -11.41 -40.30 9.72
N TYR A 309 -11.36 -40.07 8.41
CA TYR A 309 -12.54 -39.64 7.67
C TYR A 309 -13.14 -40.76 6.82
N SER A 310 -12.29 -41.70 6.39
CA SER A 310 -12.74 -42.78 5.52
C SER A 310 -13.30 -43.98 6.30
N VAL A 311 -12.95 -44.06 7.58
CA VAL A 311 -13.43 -45.13 8.43
C VAL A 311 -14.12 -44.59 9.68
N LEU B 8 -18.40 -18.30 -20.13
CA LEU B 8 -19.22 -19.13 -19.25
C LEU B 8 -19.48 -20.50 -19.88
N GLU B 9 -18.84 -21.53 -19.31
CA GLU B 9 -18.98 -22.89 -19.81
C GLU B 9 -19.98 -23.70 -18.99
N PRO B 10 -21.13 -24.03 -19.60
CA PRO B 10 -22.11 -24.87 -18.92
C PRO B 10 -21.56 -26.28 -18.71
N PRO B 11 -21.64 -26.79 -17.47
CA PRO B 11 -21.27 -28.18 -17.22
C PRO B 11 -22.23 -29.12 -17.95
N PRO B 12 -21.80 -30.37 -18.22
CA PRO B 12 -22.59 -31.31 -18.99
C PRO B 12 -23.99 -31.55 -18.43
N SER B 13 -24.97 -31.70 -19.32
CA SER B 13 -26.33 -32.00 -18.95
C SER B 13 -26.89 -33.06 -19.90
N THR B 14 -27.80 -33.90 -19.38
CA THR B 14 -28.41 -34.94 -20.20
C THR B 14 -29.78 -34.51 -20.71
N PHE B 15 -30.26 -33.36 -20.24
CA PHE B 15 -31.52 -32.81 -20.70
C PHE B 15 -31.37 -32.26 -22.11
N GLN B 16 -32.21 -32.74 -23.02
CA GLN B 16 -32.20 -32.26 -24.40
C GLN B 16 -33.43 -31.41 -24.69
N PRO B 17 -33.21 -30.14 -25.08
CA PRO B 17 -34.31 -29.20 -25.31
C PRO B 17 -35.11 -29.52 -26.57
N LEU B 18 -36.40 -29.19 -26.54
CA LEU B 18 -37.28 -29.38 -27.68
C LEU B 18 -38.06 -28.09 -27.90
N CYS B 19 -38.32 -27.76 -29.16
CA CYS B 19 -39.07 -26.55 -29.48
C CYS B 19 -40.36 -26.91 -30.21
N HIS B 20 -41.42 -26.15 -29.93
CA HIS B 20 -42.69 -26.35 -30.62
C HIS B 20 -42.53 -26.12 -32.11
N PRO B 21 -43.07 -27.03 -32.93
CA PRO B 21 -42.94 -26.99 -34.39
C PRO B 21 -43.41 -25.69 -35.04
N LEU B 22 -44.39 -25.02 -34.43
CA LEU B 22 -44.97 -23.83 -35.03
C LEU B 22 -44.42 -22.54 -34.43
N VAL B 23 -43.19 -22.60 -33.93
CA VAL B 23 -42.59 -21.46 -33.24
C VAL B 23 -42.52 -20.19 -34.10
N GLU B 24 -42.12 -20.34 -35.35
CA GLU B 24 -41.94 -19.19 -36.23
C GLU B 24 -43.26 -18.51 -36.59
N GLU B 25 -44.26 -19.30 -36.95
CA GLU B 25 -45.55 -18.75 -37.35
C GLU B 25 -46.29 -18.13 -36.18
N VAL B 26 -46.15 -18.74 -35.00
CA VAL B 26 -46.79 -18.22 -33.80
C VAL B 26 -46.07 -16.98 -33.29
N SER B 27 -44.75 -16.96 -33.42
CA SER B 27 -43.95 -15.80 -33.06
C SER B 27 -44.41 -14.56 -33.83
N LYS B 28 -44.53 -14.71 -35.14
CA LYS B 28 -44.97 -13.61 -36.00
C LYS B 28 -46.39 -13.16 -35.62
N GLU B 29 -47.24 -14.11 -35.27
CA GLU B 29 -48.61 -13.80 -34.86
C GLU B 29 -48.65 -13.02 -33.54
N VAL B 30 -47.92 -13.52 -32.55
CA VAL B 30 -47.94 -12.91 -31.22
C VAL B 30 -47.15 -11.62 -31.15
N ASP B 31 -45.94 -11.61 -31.73
CA ASP B 31 -45.15 -10.39 -31.83
C ASP B 31 -45.95 -9.32 -32.56
N GLY B 32 -46.64 -9.74 -33.63
CA GLY B 32 -47.44 -8.83 -34.42
C GLY B 32 -48.57 -8.20 -33.64
N TYR B 33 -49.23 -8.98 -32.81
CA TYR B 33 -50.33 -8.48 -31.98
C TYR B 33 -49.86 -7.39 -31.03
N PHE B 34 -48.78 -7.65 -30.31
CA PHE B 34 -48.24 -6.69 -29.35
C PHE B 34 -47.66 -5.46 -30.03
N LEU B 35 -47.02 -5.65 -31.18
CA LEU B 35 -46.48 -4.53 -31.95
C LEU B 35 -47.62 -3.60 -32.41
N GLN B 36 -48.81 -4.18 -32.58
CA GLN B 36 -49.96 -3.41 -33.00
C GLN B 36 -50.65 -2.70 -31.84
N HIS B 37 -50.71 -3.35 -30.69
CA HIS B 37 -51.52 -2.86 -29.57
C HIS B 37 -50.72 -2.26 -28.41
N TRP B 38 -49.61 -2.89 -28.05
CA TRP B 38 -48.82 -2.46 -26.90
C TRP B 38 -48.19 -1.09 -27.11
N ASN B 39 -48.16 -0.28 -26.06
CA ASN B 39 -47.57 1.05 -26.14
C ASN B 39 -46.05 1.02 -26.00
N PHE B 40 -45.35 0.75 -27.10
CA PHE B 40 -43.89 0.83 -27.12
C PHE B 40 -43.49 2.30 -27.28
N PRO B 41 -42.43 2.71 -26.58
CA PRO B 41 -42.02 4.13 -26.58
C PRO B 41 -41.40 4.58 -27.90
N ASN B 42 -40.67 3.68 -28.57
CA ASN B 42 -39.97 4.03 -29.80
C ASN B 42 -39.59 2.80 -30.62
N GLU B 43 -39.01 3.02 -31.79
CA GLU B 43 -38.66 1.95 -32.71
C GLU B 43 -37.57 1.06 -32.13
N LYS B 44 -36.64 1.66 -31.40
CA LYS B 44 -35.56 0.93 -30.75
C LYS B 44 -36.12 -0.09 -29.76
N ALA B 45 -37.19 0.29 -29.06
CA ALA B 45 -37.83 -0.61 -28.10
C ALA B 45 -38.60 -1.73 -28.80
N ARG B 46 -39.18 -1.42 -29.96
CA ARG B 46 -39.91 -2.41 -30.75
C ARG B 46 -38.96 -3.47 -31.29
N LYS B 47 -37.78 -3.03 -31.72
CA LYS B 47 -36.76 -3.95 -32.22
C LYS B 47 -36.23 -4.85 -31.10
N LYS B 48 -35.99 -4.25 -29.94
CA LYS B 48 -35.49 -4.99 -28.78
C LYS B 48 -36.52 -6.03 -28.35
N PHE B 49 -37.79 -5.66 -28.45
CA PHE B 49 -38.89 -6.55 -28.10
C PHE B 49 -38.87 -7.81 -28.97
N VAL B 50 -38.73 -7.61 -30.27
CA VAL B 50 -38.66 -8.74 -31.21
C VAL B 50 -37.38 -9.54 -30.98
N ALA B 51 -36.29 -8.85 -30.68
CA ALA B 51 -34.99 -9.46 -30.45
C ALA B 51 -34.99 -10.41 -29.25
N ALA B 52 -35.91 -10.20 -28.32
CA ALA B 52 -35.97 -11.01 -27.11
C ALA B 52 -36.45 -12.43 -27.40
N GLY B 53 -37.41 -12.56 -28.29
CA GLY B 53 -37.96 -13.85 -28.65
C GLY B 53 -38.82 -14.43 -27.54
N PHE B 54 -39.85 -13.69 -27.14
CA PHE B 54 -40.71 -14.12 -26.05
C PHE B 54 -41.60 -15.30 -26.43
N SER B 55 -41.89 -15.45 -27.72
CA SER B 55 -42.65 -16.61 -28.18
C SER B 55 -41.74 -17.81 -28.36
N ARG B 56 -40.47 -17.56 -28.65
CA ARG B 56 -39.51 -18.65 -28.79
C ARG B 56 -39.27 -19.36 -27.47
N VAL B 57 -39.10 -18.59 -26.39
CA VAL B 57 -38.91 -19.17 -25.07
C VAL B 57 -40.16 -19.93 -24.61
N THR B 58 -41.33 -19.42 -24.98
CA THR B 58 -42.58 -20.07 -24.65
C THR B 58 -42.69 -21.40 -25.38
N CYS B 59 -42.28 -21.43 -26.65
CA CYS B 59 -42.31 -22.65 -27.45
C CYS B 59 -41.23 -23.63 -27.02
N LEU B 60 -40.19 -23.12 -26.37
CA LEU B 60 -39.15 -23.97 -25.81
C LEU B 60 -39.58 -24.51 -24.45
N TYR B 61 -40.39 -23.70 -23.74
CA TYR B 61 -40.94 -24.10 -22.45
C TYR B 61 -42.01 -25.18 -22.60
N PHE B 62 -42.86 -25.03 -23.60
CA PHE B 62 -43.95 -25.98 -23.83
C PHE B 62 -43.94 -26.52 -25.25
N PRO B 63 -42.94 -27.34 -25.60
CA PRO B 63 -42.78 -27.80 -26.98
C PRO B 63 -43.86 -28.78 -27.42
N LYS B 64 -44.59 -29.36 -26.46
CA LYS B 64 -45.64 -30.30 -26.78
C LYS B 64 -47.03 -29.72 -26.51
N ALA B 65 -47.11 -28.40 -26.51
CA ALA B 65 -48.40 -27.72 -26.41
C ALA B 65 -49.22 -28.04 -27.65
N LEU B 66 -50.54 -28.11 -27.48
CA LEU B 66 -51.43 -28.34 -28.60
C LEU B 66 -51.31 -27.19 -29.59
N ASP B 67 -51.47 -27.50 -30.88
CA ASP B 67 -51.25 -26.51 -31.95
C ASP B 67 -52.16 -25.29 -31.85
N ASP B 68 -53.35 -25.45 -31.29
CA ASP B 68 -54.31 -24.34 -31.21
C ASP B 68 -54.38 -23.73 -29.81
N ARG B 69 -53.36 -23.97 -28.99
CA ARG B 69 -53.32 -23.43 -27.64
C ARG B 69 -51.99 -22.76 -27.32
N ILE B 70 -50.95 -23.09 -28.09
CA ILE B 70 -49.61 -22.55 -27.86
C ILE B 70 -49.59 -21.02 -27.94
N HIS B 71 -50.45 -20.45 -28.78
CA HIS B 71 -50.48 -18.99 -28.95
C HIS B 71 -51.00 -18.29 -27.69
N PHE B 72 -51.88 -18.96 -26.95
CA PHE B 72 -52.37 -18.42 -25.68
C PHE B 72 -51.22 -18.28 -24.69
N ALA B 73 -50.39 -19.31 -24.61
CA ALA B 73 -49.24 -19.31 -23.71
C ALA B 73 -48.24 -18.23 -24.11
N CYS B 74 -48.02 -18.06 -25.42
CA CYS B 74 -47.10 -17.05 -25.91
C CYS B 74 -47.57 -15.65 -25.55
N ARG B 75 -48.88 -15.42 -25.64
CA ARG B 75 -49.45 -14.13 -25.31
C ARG B 75 -49.32 -13.80 -23.83
N LEU B 76 -49.60 -14.79 -22.99
CA LEU B 76 -49.56 -14.59 -21.54
C LEU B 76 -48.14 -14.28 -21.07
N LEU B 77 -47.18 -15.10 -21.49
CA LEU B 77 -45.79 -14.90 -21.11
C LEU B 77 -45.22 -13.60 -21.67
N THR B 78 -45.64 -13.24 -22.88
CA THR B 78 -45.18 -12.01 -23.51
C THR B 78 -45.62 -10.78 -22.73
N VAL B 79 -46.90 -10.74 -22.34
CA VAL B 79 -47.42 -9.60 -21.62
C VAL B 79 -46.86 -9.52 -20.20
N LEU B 80 -46.56 -10.68 -19.60
CA LEU B 80 -45.95 -10.71 -18.28
C LEU B 80 -44.50 -10.25 -18.34
N PHE B 81 -43.81 -10.61 -19.41
CA PHE B 81 -42.44 -10.14 -19.63
C PHE B 81 -42.39 -8.63 -19.78
N LEU B 82 -43.34 -8.09 -20.53
CA LEU B 82 -43.42 -6.65 -20.77
C LEU B 82 -43.67 -5.89 -19.47
N ILE B 83 -44.55 -6.43 -18.63
CA ILE B 83 -44.86 -5.83 -17.34
C ILE B 83 -43.66 -5.96 -16.40
N ASP B 84 -42.99 -7.11 -16.48
CA ASP B 84 -41.81 -7.38 -15.68
C ASP B 84 -40.73 -6.30 -15.86
N ASP B 85 -40.57 -5.82 -17.09
CA ASP B 85 -39.62 -4.75 -17.36
C ASP B 85 -40.14 -3.39 -16.91
N LEU B 86 -41.45 -3.18 -17.07
CA LEU B 86 -42.10 -1.94 -16.65
C LEU B 86 -41.93 -1.69 -15.16
N LEU B 87 -42.02 -2.77 -14.38
CA LEU B 87 -41.97 -2.67 -12.92
C LEU B 87 -40.61 -2.18 -12.41
N GLU B 88 -39.58 -2.30 -13.24
CA GLU B 88 -38.23 -1.93 -12.84
C GLU B 88 -38.05 -0.43 -12.69
N TYR B 89 -38.95 0.36 -13.28
CA TYR B 89 -38.89 1.81 -13.17
C TYR B 89 -39.88 2.34 -12.16
N MET B 90 -40.54 1.44 -11.43
CA MET B 90 -41.51 1.82 -10.42
C MET B 90 -41.00 1.51 -9.03
N SER B 91 -41.57 2.19 -8.03
CA SER B 91 -41.35 1.82 -6.65
C SER B 91 -42.15 0.55 -6.38
N PHE B 92 -41.95 -0.06 -5.22
CA PHE B 92 -42.72 -1.24 -4.85
C PHE B 92 -44.20 -0.89 -4.77
N GLU B 93 -44.49 0.32 -4.31
CA GLU B 93 -45.86 0.79 -4.17
C GLU B 93 -46.55 0.95 -5.53
N GLU B 94 -45.89 1.66 -6.44
CA GLU B 94 -46.42 1.87 -7.78
C GLU B 94 -46.58 0.54 -8.50
N GLY B 95 -45.59 -0.34 -8.35
CA GLY B 95 -45.63 -1.65 -8.95
C GLY B 95 -46.81 -2.47 -8.45
N SER B 96 -47.07 -2.39 -7.15
CA SER B 96 -48.18 -3.10 -6.54
C SER B 96 -49.51 -2.58 -7.07
N ALA B 97 -49.66 -1.26 -7.11
CA ALA B 97 -50.90 -0.65 -7.60
C ALA B 97 -51.13 -0.98 -9.07
N TYR B 98 -50.05 -1.07 -9.83
CA TYR B 98 -50.12 -1.42 -11.25
C TYR B 98 -50.65 -2.84 -11.42
N ASN B 99 -50.06 -3.79 -10.70
CA ASN B 99 -50.46 -5.19 -10.79
C ASN B 99 -51.86 -5.47 -10.25
N GLU B 100 -52.19 -4.90 -9.09
CA GLU B 100 -53.47 -5.15 -8.46
C GLU B 100 -54.64 -4.72 -9.32
N LYS B 101 -54.43 -3.68 -10.12
CA LYS B 101 -55.44 -3.18 -11.03
C LYS B 101 -55.80 -4.23 -12.07
N LEU B 102 -54.80 -5.02 -12.48
CA LEU B 102 -54.96 -5.99 -13.54
C LEU B 102 -55.59 -7.30 -13.05
N ILE B 103 -55.63 -7.49 -11.73
CA ILE B 103 -56.11 -8.75 -11.18
C ILE B 103 -57.62 -9.00 -11.31
N PRO B 104 -58.47 -8.02 -10.92
CA PRO B 104 -59.89 -8.23 -11.19
C PRO B 104 -60.20 -8.24 -12.68
N ILE B 105 -59.39 -7.51 -13.45
CA ILE B 105 -59.54 -7.49 -14.90
C ILE B 105 -59.24 -8.87 -15.49
N SER B 106 -58.22 -9.53 -14.96
CA SER B 106 -57.86 -10.87 -15.41
C SER B 106 -58.97 -11.87 -15.11
N ARG B 107 -59.65 -11.68 -13.99
CA ARG B 107 -60.76 -12.55 -13.61
C ARG B 107 -61.98 -12.30 -14.48
N GLY B 108 -62.03 -11.12 -15.11
CA GLY B 108 -63.17 -10.74 -15.92
C GLY B 108 -64.25 -10.08 -15.08
N ASP B 109 -63.92 -9.76 -13.83
CA ASP B 109 -64.87 -9.11 -12.93
C ASP B 109 -64.95 -7.61 -13.18
N VAL B 110 -63.87 -7.04 -13.69
CA VAL B 110 -63.82 -5.62 -14.00
C VAL B 110 -63.46 -5.40 -15.47
N LEU B 111 -64.25 -4.58 -16.15
CA LEU B 111 -64.02 -4.26 -17.54
C LEU B 111 -62.79 -3.36 -17.70
N PRO B 112 -62.05 -3.53 -18.81
CA PRO B 112 -60.82 -2.76 -19.03
C PRO B 112 -61.08 -1.37 -19.59
N ASP B 113 -60.14 -0.45 -19.35
CA ASP B 113 -60.15 0.84 -20.03
C ASP B 113 -59.54 0.62 -21.40
N ARG B 114 -60.38 0.72 -22.43
CA ARG B 114 -59.95 0.41 -23.80
C ARG B 114 -58.92 1.39 -24.36
N SER B 115 -58.68 2.48 -23.65
CA SER B 115 -57.66 3.43 -24.05
C SER B 115 -56.32 3.07 -23.43
N ILE B 116 -56.35 2.08 -22.52
CA ILE B 116 -55.14 1.62 -21.85
C ILE B 116 -54.82 0.20 -22.28
N PRO B 117 -53.82 0.05 -23.18
CA PRO B 117 -53.42 -1.21 -23.80
C PRO B 117 -53.29 -2.40 -22.85
N VAL B 118 -52.54 -2.25 -21.76
CA VAL B 118 -52.29 -3.36 -20.84
C VAL B 118 -53.60 -3.92 -20.27
N GLU B 119 -54.58 -3.05 -20.06
CA GLU B 119 -55.86 -3.48 -19.50
C GLU B 119 -56.69 -4.29 -20.48
N TYR B 120 -56.84 -3.80 -21.72
CA TYR B 120 -57.66 -4.54 -22.68
C TYR B 120 -56.95 -5.76 -23.27
N ILE B 121 -55.62 -5.71 -23.34
CA ILE B 121 -54.85 -6.87 -23.78
C ILE B 121 -55.02 -8.01 -22.79
N ILE B 122 -54.86 -7.71 -21.51
CA ILE B 122 -55.01 -8.71 -20.45
C ILE B 122 -56.45 -9.21 -20.34
N TYR B 123 -57.41 -8.31 -20.47
CA TYR B 123 -58.82 -8.69 -20.45
C TYR B 123 -59.17 -9.62 -21.60
N ASP B 124 -58.82 -9.22 -22.82
CA ASP B 124 -59.14 -10.02 -24.01
C ASP B 124 -58.44 -11.38 -24.00
N LEU B 125 -57.23 -11.40 -23.45
CA LEU B 125 -56.46 -12.64 -23.37
C LEU B 125 -57.20 -13.67 -22.52
N TRP B 126 -57.49 -13.31 -21.28
CA TRP B 126 -58.13 -14.23 -20.34
C TRP B 126 -59.53 -14.64 -20.77
N GLU B 127 -60.25 -13.72 -21.42
CA GLU B 127 -61.56 -14.03 -21.97
C GLU B 127 -61.45 -15.05 -23.08
N SER B 128 -60.43 -14.90 -23.93
CA SER B 128 -60.23 -15.82 -25.05
C SER B 128 -59.78 -17.18 -24.55
N MET B 129 -59.02 -17.20 -23.46
CA MET B 129 -58.56 -18.45 -22.88
C MET B 129 -59.69 -19.20 -22.21
N ARG B 130 -60.57 -18.46 -21.53
CA ARG B 130 -61.74 -19.05 -20.88
C ARG B 130 -62.72 -19.59 -21.92
N ALA B 131 -62.75 -18.97 -23.09
CA ALA B 131 -63.61 -19.42 -24.18
C ALA B 131 -63.14 -20.76 -24.73
N HIS B 132 -61.82 -20.92 -24.82
CA HIS B 132 -61.24 -22.15 -25.36
C HIS B 132 -61.31 -23.29 -24.35
N ASP B 133 -61.00 -23.00 -23.10
CA ASP B 133 -61.04 -24.00 -22.05
C ASP B 133 -61.27 -23.33 -20.69
N ARG B 134 -62.55 -23.23 -20.32
CA ARG B 134 -62.98 -22.51 -19.11
C ARG B 134 -62.28 -23.01 -17.85
N GLU B 135 -62.37 -24.31 -17.60
CA GLU B 135 -61.85 -24.90 -16.36
C GLU B 135 -60.33 -24.78 -16.25
N MET B 136 -59.62 -25.12 -17.31
CA MET B 136 -58.17 -25.08 -17.29
C MET B 136 -57.62 -23.66 -17.25
N ALA B 137 -58.37 -22.71 -17.80
CA ALA B 137 -57.97 -21.32 -17.78
C ALA B 137 -58.07 -20.73 -16.38
N ASP B 138 -59.15 -21.10 -15.68
CA ASP B 138 -59.40 -20.61 -14.33
C ASP B 138 -58.30 -21.03 -13.35
N GLU B 139 -57.69 -22.18 -13.61
CA GLU B 139 -56.69 -22.73 -12.71
C GLU B 139 -55.32 -22.07 -12.90
N ILE B 140 -55.23 -21.14 -13.84
CA ILE B 140 -54.01 -20.38 -14.05
C ILE B 140 -54.07 -19.04 -13.30
N LEU B 141 -55.28 -18.59 -13.01
CA LEU B 141 -55.50 -17.26 -12.42
C LEU B 141 -54.72 -17.00 -11.13
N GLU B 142 -55.04 -17.75 -10.08
CA GLU B 142 -54.37 -17.56 -8.78
C GLU B 142 -52.84 -17.77 -8.80
N PRO B 143 -52.34 -18.77 -9.55
CA PRO B 143 -50.89 -18.86 -9.69
C PRO B 143 -50.26 -17.61 -10.30
N VAL B 144 -50.93 -16.99 -11.25
CA VAL B 144 -50.44 -15.75 -11.85
C VAL B 144 -50.46 -14.61 -10.82
N PHE B 145 -51.53 -14.55 -10.04
CA PHE B 145 -51.69 -13.50 -9.03
C PHE B 145 -50.64 -13.64 -7.93
N LEU B 146 -50.31 -14.89 -7.60
CA LEU B 146 -49.28 -15.17 -6.60
C LEU B 146 -47.94 -14.63 -7.09
N PHE B 147 -47.67 -14.84 -8.37
CA PHE B 147 -46.45 -14.36 -9.01
C PHE B 147 -46.41 -12.83 -9.06
N MET B 148 -47.52 -12.23 -9.47
CA MET B 148 -47.62 -10.77 -9.57
C MET B 148 -47.33 -10.09 -8.25
N ARG B 149 -47.89 -10.64 -7.17
CA ARG B 149 -47.74 -10.04 -5.85
C ARG B 149 -46.35 -10.25 -5.28
N ALA B 150 -45.67 -11.30 -5.73
CA ALA B 150 -44.31 -11.57 -5.30
C ALA B 150 -43.34 -10.56 -5.92
N GLN B 151 -43.69 -10.08 -7.10
CA GLN B 151 -42.83 -9.15 -7.85
C GLN B 151 -42.56 -7.86 -7.09
N THR B 152 -43.53 -7.41 -6.31
CA THR B 152 -43.40 -6.15 -5.58
C THR B 152 -43.35 -6.36 -4.07
N ASP B 153 -43.10 -7.61 -3.67
CA ASP B 153 -42.98 -7.95 -2.25
C ASP B 153 -41.73 -7.28 -1.67
N ARG B 154 -41.90 -6.61 -0.54
CA ARG B 154 -40.79 -5.89 0.08
C ARG B 154 -39.72 -6.81 0.68
N THR B 155 -39.96 -8.12 0.60
CA THR B 155 -38.95 -9.09 1.00
C THR B 155 -37.76 -9.03 0.03
N ARG B 156 -38.00 -8.42 -1.13
CA ARG B 156 -36.96 -8.22 -2.13
C ARG B 156 -35.85 -7.31 -1.62
N ALA B 157 -36.22 -6.33 -0.79
CA ALA B 157 -35.27 -5.34 -0.31
C ALA B 157 -34.72 -5.68 1.07
N ARG B 158 -34.93 -6.92 1.50
CA ARG B 158 -34.46 -7.35 2.82
C ARG B 158 -33.50 -8.54 2.70
N PRO B 159 -32.61 -8.72 3.70
CA PRO B 159 -31.62 -9.80 3.67
C PRO B 159 -32.23 -11.19 3.47
N MET B 160 -31.60 -11.99 2.63
CA MET B 160 -32.05 -13.35 2.38
C MET B 160 -30.87 -14.30 2.23
N GLY B 161 -31.02 -15.49 2.80
CA GLY B 161 -30.06 -16.56 2.57
C GLY B 161 -30.45 -17.27 1.28
N LEU B 162 -29.62 -18.21 0.85
CA LEU B 162 -29.89 -18.94 -0.40
C LEU B 162 -31.23 -19.68 -0.34
N GLY B 163 -31.48 -20.36 0.78
CA GLY B 163 -32.73 -21.09 0.96
C GLY B 163 -33.93 -20.18 0.96
N GLY B 164 -33.85 -19.07 1.68
CA GLY B 164 -34.94 -18.12 1.74
C GLY B 164 -35.24 -17.49 0.39
N TYR B 165 -34.19 -17.20 -0.37
CA TYR B 165 -34.33 -16.66 -1.72
C TYR B 165 -35.08 -17.62 -2.63
N LEU B 166 -34.65 -18.87 -2.65
CA LEU B 166 -35.23 -19.87 -3.54
C LEU B 166 -36.71 -20.11 -3.27
N GLU B 167 -37.09 -20.07 -2.00
CA GLU B 167 -38.50 -20.27 -1.63
C GLU B 167 -39.34 -19.06 -2.05
N TYR B 168 -38.73 -17.88 -2.00
CA TYR B 168 -39.41 -16.69 -2.50
C TYR B 168 -39.43 -16.68 -4.02
N ARG B 169 -38.32 -17.09 -4.61
CA ARG B 169 -38.12 -17.07 -6.06
C ARG B 169 -39.15 -17.93 -6.77
N GLU B 170 -39.58 -19.01 -6.11
CA GLU B 170 -40.56 -19.91 -6.69
C GLU B 170 -41.82 -19.15 -7.11
N ARG B 171 -42.15 -18.13 -6.34
CA ARG B 171 -43.28 -17.26 -6.66
C ARG B 171 -42.89 -16.22 -7.70
N ASP B 172 -41.73 -15.60 -7.52
CA ASP B 172 -41.29 -14.55 -8.42
C ASP B 172 -40.94 -15.07 -9.82
N VAL B 173 -40.64 -16.35 -9.92
CA VAL B 173 -40.35 -16.97 -11.21
C VAL B 173 -41.62 -17.52 -11.84
N GLY B 174 -42.68 -17.59 -11.05
CA GLY B 174 -43.97 -18.06 -11.52
C GLY B 174 -44.02 -19.54 -11.81
N LYS B 175 -43.41 -20.35 -10.94
CA LYS B 175 -43.36 -21.79 -11.14
C LYS B 175 -44.76 -22.38 -11.25
N GLU B 176 -45.65 -21.93 -10.38
CA GLU B 176 -47.03 -22.42 -10.38
C GLU B 176 -47.79 -22.03 -11.65
N LEU B 177 -47.63 -20.78 -12.08
CA LEU B 177 -48.33 -20.33 -13.28
C LEU B 177 -47.84 -21.08 -14.51
N LEU B 178 -46.54 -21.34 -14.55
CA LEU B 178 -45.93 -22.07 -15.66
C LEU B 178 -46.48 -23.49 -15.73
N ALA B 179 -46.67 -24.11 -14.57
CA ALA B 179 -47.18 -25.48 -14.51
C ALA B 179 -48.63 -25.54 -14.97
N ALA B 180 -49.43 -24.58 -14.53
CA ALA B 180 -50.84 -24.52 -14.94
C ALA B 180 -50.97 -24.10 -16.39
N LEU B 181 -50.06 -23.25 -16.85
CA LEU B 181 -50.04 -22.82 -18.25
C LEU B 181 -49.66 -23.99 -19.14
N MET B 182 -48.68 -24.78 -18.69
CA MET B 182 -48.24 -25.96 -19.44
C MET B 182 -49.39 -26.95 -19.59
N ARG B 183 -50.08 -27.19 -18.49
CA ARG B 183 -51.23 -28.10 -18.50
C ARG B 183 -52.32 -27.61 -19.42
N PHE B 184 -52.63 -26.31 -19.34
CA PHE B 184 -53.62 -25.69 -20.21
C PHE B 184 -53.22 -25.84 -21.68
N SER B 185 -51.96 -25.57 -21.98
CA SER B 185 -51.47 -25.56 -23.35
C SER B 185 -51.48 -26.95 -23.97
N MET B 186 -51.33 -27.96 -23.12
CA MET B 186 -51.27 -29.35 -23.57
C MET B 186 -52.63 -30.04 -23.41
N GLY B 187 -53.55 -29.38 -22.72
CA GLY B 187 -54.83 -29.99 -22.39
C GLY B 187 -54.64 -31.13 -21.42
N LEU B 188 -53.58 -31.05 -20.64
CA LEU B 188 -53.24 -32.10 -19.69
C LEU B 188 -53.92 -31.87 -18.34
N LYS B 189 -54.99 -32.63 -18.10
CA LYS B 189 -55.72 -32.51 -16.83
C LYS B 189 -55.22 -33.52 -15.81
N LEU B 190 -54.93 -33.03 -14.61
CA LEU B 190 -54.47 -33.88 -13.52
C LEU B 190 -55.37 -33.71 -12.30
N SER B 191 -55.59 -34.81 -11.58
CA SER B 191 -56.37 -34.77 -10.35
C SER B 191 -55.57 -34.10 -9.26
N PRO B 192 -56.26 -33.56 -8.23
CA PRO B 192 -55.58 -32.97 -7.07
C PRO B 192 -54.60 -33.93 -6.42
N SER B 193 -54.97 -35.21 -6.36
CA SER B 193 -54.11 -36.23 -5.76
C SER B 193 -52.86 -36.46 -6.61
N GLU B 194 -53.03 -36.51 -7.92
CA GLU B 194 -51.91 -36.65 -8.84
C GLU B 194 -50.93 -35.49 -8.72
N LEU B 195 -51.48 -34.28 -8.61
CA LEU B 195 -50.66 -33.08 -8.47
C LEU B 195 -49.92 -33.07 -7.14
N GLN B 196 -50.53 -33.64 -6.11
CA GLN B 196 -49.91 -33.73 -4.79
C GLN B 196 -48.70 -34.67 -4.82
N ARG B 197 -48.73 -35.64 -5.72
CA ARG B 197 -47.64 -36.62 -5.84
C ARG B 197 -46.35 -36.01 -6.37
N VAL B 198 -46.48 -34.97 -7.20
CA VAL B 198 -45.32 -34.37 -7.84
C VAL B 198 -44.93 -33.02 -7.25
N ARG B 199 -45.36 -32.78 -6.02
CA ARG B 199 -45.06 -31.51 -5.35
C ARG B 199 -43.56 -31.32 -5.14
N GLU B 200 -42.88 -32.39 -4.75
CA GLU B 200 -41.43 -32.36 -4.57
C GLU B 200 -40.71 -32.11 -5.88
N ILE B 201 -41.20 -32.72 -6.95
CA ILE B 201 -40.63 -32.55 -8.28
C ILE B 201 -40.83 -31.13 -8.77
N ASP B 202 -41.98 -30.54 -8.49
CA ASP B 202 -42.25 -29.15 -8.84
C ASP B 202 -41.29 -28.21 -8.13
N ALA B 203 -41.11 -28.41 -6.84
CA ALA B 203 -40.23 -27.58 -6.02
C ALA B 203 -38.79 -27.62 -6.53
N ASN B 204 -38.33 -28.83 -6.86
CA ASN B 204 -36.99 -29.02 -7.40
C ASN B 204 -36.81 -28.31 -8.74
N CYS B 205 -37.82 -28.43 -9.60
CA CYS B 205 -37.79 -27.81 -10.92
C CYS B 205 -37.74 -26.29 -10.83
N SER B 206 -38.43 -25.74 -9.84
CA SER B 206 -38.48 -24.30 -9.64
C SER B 206 -37.10 -23.71 -9.38
N LYS B 207 -36.31 -24.40 -8.57
CA LYS B 207 -34.96 -23.94 -8.26
C LYS B 207 -34.08 -23.91 -9.52
N HIS B 208 -34.24 -24.91 -10.37
CA HIS B 208 -33.49 -25.00 -11.62
C HIS B 208 -33.81 -23.83 -12.55
N LEU B 209 -35.10 -23.61 -12.79
CA LEU B 209 -35.55 -22.49 -13.63
C LEU B 209 -35.04 -21.15 -13.09
N SER B 210 -35.15 -20.96 -11.79
CA SER B 210 -34.77 -19.71 -11.14
C SER B 210 -33.27 -19.41 -11.31
N VAL B 211 -32.43 -20.36 -10.94
CA VAL B 211 -30.99 -20.15 -10.93
C VAL B 211 -30.41 -20.05 -12.35
N VAL B 212 -30.93 -20.87 -13.28
CA VAL B 212 -30.49 -20.77 -14.67
C VAL B 212 -30.77 -19.38 -15.22
N ASN B 213 -31.95 -18.86 -14.93
CA ASN B 213 -32.29 -17.50 -15.32
C ASN B 213 -31.39 -16.47 -14.62
N ASP B 214 -31.18 -16.66 -13.32
CA ASP B 214 -30.33 -15.76 -12.55
C ASP B 214 -28.94 -15.65 -13.15
N ILE B 215 -28.37 -16.79 -13.51
CA ILE B 215 -27.03 -16.87 -14.09
C ILE B 215 -26.92 -16.05 -15.37
N TYR B 216 -27.81 -16.29 -16.32
CA TYR B 216 -27.71 -15.65 -17.63
C TYR B 216 -28.22 -14.20 -17.66
N SER B 217 -29.16 -13.87 -16.78
CA SER B 217 -29.75 -12.54 -16.78
C SER B 217 -29.09 -11.61 -15.77
N TYR B 218 -27.95 -12.02 -15.23
CA TYR B 218 -27.30 -11.23 -14.19
C TYR B 218 -26.81 -9.87 -14.71
N GLU B 219 -26.11 -9.88 -15.85
CA GLU B 219 -25.58 -8.66 -16.43
C GLU B 219 -26.68 -7.66 -16.74
N LYS B 220 -27.79 -8.15 -17.27
CA LYS B 220 -28.95 -7.30 -17.55
C LYS B 220 -29.48 -6.67 -16.27
N GLU B 221 -29.58 -7.48 -15.22
CA GLU B 221 -30.15 -7.04 -13.95
C GLU B 221 -29.18 -6.18 -13.13
N LEU B 222 -27.88 -6.43 -13.30
CA LEU B 222 -26.87 -5.60 -12.66
C LEU B 222 -26.99 -4.18 -13.21
N TYR B 223 -27.11 -4.08 -14.52
CA TYR B 223 -27.22 -2.79 -15.19
C TYR B 223 -28.51 -2.07 -14.79
N THR B 224 -29.60 -2.83 -14.71
CA THR B 224 -30.89 -2.30 -14.29
C THR B 224 -30.82 -1.73 -12.87
N SER B 225 -30.16 -2.45 -11.97
CA SER B 225 -30.01 -2.01 -10.59
C SER B 225 -29.25 -0.70 -10.46
N LYS B 226 -28.44 -0.39 -11.47
CA LYS B 226 -27.61 0.82 -11.45
C LYS B 226 -28.26 1.98 -12.19
N THR B 227 -29.29 1.70 -12.98
CA THR B 227 -29.86 2.70 -13.87
C THR B 227 -31.34 3.00 -13.61
N ALA B 228 -32.09 1.97 -13.22
CA ALA B 228 -33.53 2.12 -13.02
C ALA B 228 -33.87 2.52 -11.58
N HIS B 229 -35.12 2.23 -11.19
CA HIS B 229 -35.59 2.58 -9.86
C HIS B 229 -34.91 1.72 -8.80
N SER B 230 -34.48 2.34 -7.72
CA SER B 230 -33.73 1.66 -6.67
C SER B 230 -34.53 0.53 -6.01
N GLU B 231 -35.85 0.61 -6.10
CA GLU B 231 -36.70 -0.44 -5.57
C GLU B 231 -37.09 -1.47 -6.64
N GLY B 232 -37.81 -1.01 -7.66
CA GLY B 232 -38.28 -1.89 -8.71
C GLY B 232 -37.17 -2.59 -9.47
N GLY B 233 -36.02 -1.93 -9.57
CA GLY B 233 -34.89 -2.50 -10.27
C GLY B 233 -33.85 -3.10 -9.35
N ILE B 234 -34.22 -3.35 -8.10
CA ILE B 234 -33.28 -3.87 -7.10
C ILE B 234 -32.67 -5.21 -7.52
N LEU B 235 -31.40 -5.39 -7.17
CA LEU B 235 -30.68 -6.61 -7.52
C LEU B 235 -31.05 -7.76 -6.59
N CYS B 236 -32.03 -8.56 -7.01
CA CYS B 236 -32.46 -9.72 -6.24
C CYS B 236 -32.26 -10.99 -7.05
N THR B 237 -31.17 -11.69 -6.77
CA THR B 237 -30.79 -12.87 -7.54
C THR B 237 -29.84 -13.78 -6.76
N SER B 238 -29.86 -15.06 -7.09
CA SER B 238 -29.01 -16.04 -6.43
C SER B 238 -27.54 -15.76 -6.66
N VAL B 239 -27.23 -15.15 -7.80
CA VAL B 239 -25.85 -14.80 -8.14
C VAL B 239 -25.28 -13.84 -7.11
N GLN B 240 -26.07 -12.83 -6.74
CA GLN B 240 -25.66 -11.86 -5.73
C GLN B 240 -25.63 -12.49 -4.35
N ILE B 241 -26.64 -13.30 -4.04
CA ILE B 241 -26.76 -13.91 -2.73
C ILE B 241 -25.58 -14.82 -2.40
N LEU B 242 -25.27 -15.74 -3.31
CA LEU B 242 -24.17 -16.67 -3.11
C LEU B 242 -22.82 -15.96 -3.07
N ALA B 243 -22.66 -14.95 -3.92
CA ALA B 243 -21.44 -14.18 -3.97
C ALA B 243 -21.20 -13.47 -2.64
N GLN B 244 -22.30 -13.03 -2.02
CA GLN B 244 -22.23 -12.34 -0.74
C GLN B 244 -21.97 -13.32 0.39
N GLU B 245 -22.63 -14.47 0.34
CA GLU B 245 -22.49 -15.49 1.38
C GLU B 245 -21.09 -16.09 1.43
N ALA B 246 -20.48 -16.31 0.27
CA ALA B 246 -19.20 -17.02 0.19
C ALA B 246 -18.02 -16.08 -0.04
N ASP B 247 -18.30 -14.79 -0.18
CA ASP B 247 -17.28 -13.78 -0.45
C ASP B 247 -16.51 -14.06 -1.74
N VAL B 248 -17.24 -14.29 -2.82
CA VAL B 248 -16.63 -14.46 -4.13
C VAL B 248 -17.28 -13.51 -5.13
N THR B 249 -16.71 -13.43 -6.33
CA THR B 249 -17.27 -12.57 -7.36
C THR B 249 -18.54 -13.18 -7.93
N ALA B 250 -19.27 -12.38 -8.71
CA ALA B 250 -20.49 -12.85 -9.34
C ALA B 250 -20.19 -13.97 -10.34
N GLU B 251 -19.08 -13.84 -11.06
CA GLU B 251 -18.66 -14.86 -12.03
C GLU B 251 -18.34 -16.17 -11.33
N ALA B 252 -17.71 -16.07 -10.16
CA ALA B 252 -17.41 -17.26 -9.35
C ALA B 252 -18.71 -17.91 -8.88
N ALA B 253 -19.65 -17.09 -8.44
CA ALA B 253 -20.95 -17.57 -7.98
C ALA B 253 -21.72 -18.28 -9.10
N LYS B 254 -21.65 -17.73 -10.30
CA LYS B 254 -22.32 -18.32 -11.46
C LYS B 254 -21.85 -19.75 -11.69
N ARG B 255 -20.53 -19.95 -11.67
CA ARG B 255 -19.94 -21.25 -11.93
C ARG B 255 -20.36 -22.29 -10.90
N VAL B 256 -20.42 -21.86 -9.64
CA VAL B 256 -20.84 -22.74 -8.55
C VAL B 256 -22.32 -23.08 -8.67
N LEU B 257 -23.14 -22.07 -8.96
CA LEU B 257 -24.57 -22.26 -9.11
C LEU B 257 -24.93 -23.18 -10.27
N PHE B 258 -24.09 -23.17 -11.32
CA PHE B 258 -24.35 -23.98 -12.49
C PHE B 258 -24.16 -25.46 -12.15
N VAL B 259 -23.20 -25.74 -11.28
CA VAL B 259 -22.98 -27.09 -10.78
C VAL B 259 -24.17 -27.53 -9.94
N MET B 260 -24.69 -26.61 -9.14
CA MET B 260 -25.87 -26.88 -8.32
C MET B 260 -27.08 -27.19 -9.20
N CYS B 261 -27.18 -26.49 -10.31
CA CYS B 261 -28.27 -26.72 -11.26
C CYS B 261 -28.24 -28.15 -11.80
N ARG B 262 -27.04 -28.66 -12.07
CA ARG B 262 -26.90 -30.02 -12.55
C ARG B 262 -27.27 -31.04 -11.47
N GLU B 263 -27.06 -30.67 -10.21
CA GLU B 263 -27.47 -31.53 -9.11
C GLU B 263 -29.00 -31.60 -9.02
N TRP B 264 -29.66 -30.50 -9.33
CA TRP B 264 -31.11 -30.46 -9.35
C TRP B 264 -31.67 -31.29 -10.52
N GLU B 265 -30.88 -31.41 -11.58
CA GLU B 265 -31.25 -32.25 -12.71
C GLU B 265 -31.18 -33.72 -12.33
N LEU B 266 -30.12 -34.09 -11.60
CA LEU B 266 -29.96 -35.43 -11.08
C LEU B 266 -31.09 -35.78 -10.12
N ARG B 267 -31.44 -34.83 -9.27
CA ARG B 267 -32.52 -35.02 -8.30
C ARG B 267 -33.86 -35.20 -8.99
N HIS B 268 -34.09 -34.44 -10.06
CA HIS B 268 -35.30 -34.58 -10.87
C HIS B 268 -35.44 -36.01 -11.38
N GLN B 269 -34.35 -36.54 -11.93
CA GLN B 269 -34.34 -37.90 -12.46
C GLN B 269 -34.54 -38.93 -11.35
N LEU B 270 -33.95 -38.68 -10.19
CA LEU B 270 -34.10 -39.56 -9.04
C LEU B 270 -35.55 -39.60 -8.57
N LEU B 271 -36.15 -38.42 -8.41
CA LEU B 271 -37.53 -38.32 -7.94
C LEU B 271 -38.51 -38.96 -8.91
N VAL B 272 -38.31 -38.72 -10.20
CA VAL B 272 -39.17 -39.30 -11.22
C VAL B 272 -39.04 -40.82 -11.24
N ALA B 273 -37.81 -41.31 -11.13
CA ALA B 273 -37.54 -42.74 -11.09
C ALA B 273 -38.22 -43.41 -9.90
N ARG B 274 -38.18 -42.73 -8.76
CA ARG B 274 -38.82 -43.23 -7.55
C ARG B 274 -40.33 -43.28 -7.70
N LEU B 275 -40.89 -42.24 -8.32
CA LEU B 275 -42.32 -42.16 -8.56
C LEU B 275 -42.79 -43.35 -9.41
N SER B 276 -42.01 -43.67 -10.44
CA SER B 276 -42.34 -44.75 -11.35
C SER B 276 -42.22 -46.11 -10.66
N ALA B 277 -41.16 -46.29 -9.88
CA ALA B 277 -40.89 -47.55 -9.20
C ALA B 277 -41.94 -47.89 -8.16
N GLU B 278 -42.56 -46.87 -7.58
CA GLU B 278 -43.59 -47.07 -6.57
C GLU B 278 -44.96 -47.26 -7.23
N GLY B 279 -44.98 -47.29 -8.56
CA GLY B 279 -46.20 -47.50 -9.31
C GLY B 279 -47.14 -46.30 -9.22
N LEU B 280 -46.56 -45.12 -9.04
CA LEU B 280 -47.35 -43.91 -8.84
C LEU B 280 -47.34 -42.97 -10.03
N GLU B 281 -46.59 -43.34 -11.08
CA GLU B 281 -46.50 -42.50 -12.26
C GLU B 281 -47.58 -42.87 -13.29
N THR B 282 -48.70 -42.15 -13.23
CA THR B 282 -49.78 -42.31 -14.19
C THR B 282 -49.35 -41.76 -15.54
N PRO B 283 -50.06 -42.12 -16.64
CA PRO B 283 -49.71 -41.58 -17.95
C PRO B 283 -49.74 -40.06 -18.00
N GLY B 284 -50.69 -39.44 -17.29
CA GLY B 284 -50.75 -37.99 -17.22
C GLY B 284 -49.56 -37.43 -16.47
N LEU B 285 -49.17 -38.09 -15.39
CA LEU B 285 -48.03 -37.68 -14.59
C LEU B 285 -46.73 -37.86 -15.37
N ALA B 286 -46.70 -38.90 -16.20
CA ALA B 286 -45.54 -39.16 -17.05
C ALA B 286 -45.35 -38.03 -18.06
N ALA B 287 -46.47 -37.54 -18.62
CA ALA B 287 -46.43 -36.43 -19.56
C ALA B 287 -46.05 -35.14 -18.85
N TYR B 288 -46.55 -34.99 -17.62
CA TYR B 288 -46.31 -33.78 -16.85
C TYR B 288 -44.84 -33.61 -16.48
N VAL B 289 -44.24 -34.65 -15.90
CA VAL B 289 -42.85 -34.57 -15.45
C VAL B 289 -41.90 -34.42 -16.63
N GLU B 290 -42.27 -34.97 -17.77
CA GLU B 290 -41.49 -34.79 -18.99
C GLU B 290 -41.61 -33.33 -19.42
N GLY B 291 -42.80 -32.78 -19.24
CA GLY B 291 -43.06 -31.39 -19.57
C GLY B 291 -42.22 -30.46 -18.73
N LEU B 292 -42.00 -30.83 -17.47
CA LEU B 292 -41.16 -30.03 -16.58
C LEU B 292 -39.71 -30.05 -17.05
N GLU B 293 -39.27 -31.19 -17.56
CA GLU B 293 -37.90 -31.31 -18.05
C GLU B 293 -37.69 -30.41 -19.27
N TYR B 294 -38.70 -30.33 -20.12
CA TYR B 294 -38.66 -29.43 -21.27
C TYR B 294 -38.56 -27.98 -20.83
N GLN B 295 -39.25 -27.63 -19.74
CA GLN B 295 -39.17 -26.28 -19.20
C GLN B 295 -37.74 -25.93 -18.80
N MET B 296 -37.10 -26.85 -18.06
CA MET B 296 -35.74 -26.64 -17.58
C MET B 296 -34.72 -26.53 -18.71
N SER B 297 -34.79 -27.46 -19.66
CA SER B 297 -33.85 -27.46 -20.78
C SER B 297 -34.15 -26.32 -21.74
N GLY B 298 -35.43 -26.10 -22.01
CA GLY B 298 -35.85 -25.01 -22.87
C GLY B 298 -35.47 -23.64 -22.31
N ASN B 299 -35.59 -23.50 -21.00
CA ASN B 299 -35.20 -22.27 -20.32
C ASN B 299 -33.71 -21.99 -20.49
N GLU B 300 -32.91 -23.04 -20.44
CA GLU B 300 -31.46 -22.88 -20.56
C GLU B 300 -31.01 -22.52 -21.97
N LEU B 301 -31.59 -23.20 -22.96
CA LEU B 301 -31.25 -22.94 -24.36
C LEU B 301 -31.54 -21.48 -24.72
N TRP B 302 -32.75 -21.03 -24.41
CA TRP B 302 -33.15 -19.66 -24.69
C TRP B 302 -32.29 -18.65 -23.95
N SER B 303 -32.02 -18.92 -22.68
CA SER B 303 -31.20 -18.03 -21.85
C SER B 303 -29.80 -17.88 -22.43
N GLN B 304 -29.30 -18.97 -23.03
CA GLN B 304 -27.97 -19.00 -23.61
C GLN B 304 -27.87 -18.14 -24.87
N THR B 305 -28.99 -17.91 -25.53
CA THR B 305 -28.96 -17.35 -26.89
C THR B 305 -29.75 -16.05 -27.07
N THR B 306 -30.68 -15.76 -26.16
CA THR B 306 -31.53 -14.58 -26.33
C THR B 306 -30.75 -13.28 -26.20
N LEU B 307 -31.06 -12.33 -27.08
CA LEU B 307 -30.41 -11.03 -27.08
C LEU B 307 -30.82 -10.22 -25.86
N ARG B 308 -31.90 -10.62 -25.22
CA ARG B 308 -32.36 -10.00 -23.99
C ARG B 308 -31.29 -10.02 -22.89
N TYR B 309 -30.47 -11.07 -22.89
CA TYR B 309 -29.46 -11.23 -21.84
C TYR B 309 -28.05 -10.92 -22.33
N SER B 310 -27.84 -11.01 -23.65
CA SER B 310 -26.50 -10.81 -24.21
C SER B 310 -26.24 -9.35 -24.60
N VAL B 311 -27.30 -8.57 -24.80
CA VAL B 311 -27.16 -7.15 -25.10
C VAL B 311 -28.23 -6.33 -24.37
N LEU C 8 24.15 2.57 1.40
CA LEU C 8 24.88 3.79 1.71
C LEU C 8 26.38 3.51 1.88
N GLU C 9 27.19 4.22 1.11
CA GLU C 9 28.64 4.01 1.13
C GLU C 9 29.36 5.22 1.71
N PRO C 10 29.89 5.08 2.94
CA PRO C 10 30.66 6.14 3.58
C PRO C 10 31.94 6.45 2.82
N PRO C 11 32.19 7.74 2.52
CA PRO C 11 33.43 8.19 1.87
C PRO C 11 34.63 7.88 2.73
N PRO C 12 35.84 7.85 2.15
CA PRO C 12 37.06 7.56 2.90
C PRO C 12 37.25 8.48 4.10
N SER C 13 37.77 7.94 5.18
CA SER C 13 38.05 8.72 6.38
C SER C 13 39.41 8.34 6.94
N THR C 14 40.13 9.33 7.45
CA THR C 14 41.42 9.10 8.07
C THR C 14 41.25 8.84 9.56
N PHE C 15 40.00 8.93 10.03
CA PHE C 15 39.69 8.70 11.43
C PHE C 15 39.45 7.22 11.70
N GLN C 16 40.31 6.63 12.53
CA GLN C 16 40.15 5.23 12.90
C GLN C 16 39.61 5.12 14.32
N PRO C 17 38.40 4.54 14.47
CA PRO C 17 37.70 4.46 15.75
C PRO C 17 38.42 3.63 16.80
N LEU C 18 38.06 3.84 18.06
CA LEU C 18 38.64 3.12 19.18
C LEU C 18 37.58 2.83 20.23
N CYS C 19 37.62 1.64 20.81
CA CYS C 19 36.65 1.26 21.83
C CYS C 19 37.36 1.05 23.17
N HIS C 20 36.66 1.38 24.25
CA HIS C 20 37.21 1.17 25.58
C HIS C 20 37.36 -0.32 25.85
N PRO C 21 38.51 -0.73 26.42
CA PRO C 21 38.83 -2.15 26.66
C PRO C 21 37.77 -2.87 27.50
N LEU C 22 37.19 -2.18 28.47
CA LEU C 22 36.24 -2.80 29.39
C LEU C 22 34.81 -2.73 28.90
N VAL C 23 34.64 -2.58 27.59
CA VAL C 23 33.31 -2.40 27.01
C VAL C 23 32.33 -3.54 27.34
N GLU C 24 32.80 -4.78 27.31
CA GLU C 24 31.92 -5.92 27.54
C GLU C 24 31.46 -6.04 29.00
N GLU C 25 32.36 -5.76 29.94
CA GLU C 25 32.02 -5.80 31.36
C GLU C 25 31.02 -4.71 31.71
N VAL C 26 31.36 -3.46 31.39
CA VAL C 26 30.54 -2.32 31.74
C VAL C 26 29.17 -2.38 31.08
N SER C 27 29.11 -2.93 29.86
CA SER C 27 27.85 -3.11 29.15
C SER C 27 26.93 -3.98 29.98
N LYS C 28 27.44 -5.13 30.43
CA LYS C 28 26.69 -6.04 31.30
C LYS C 28 26.26 -5.33 32.58
N GLU C 29 27.20 -4.61 33.19
CA GLU C 29 26.94 -3.88 34.43
C GLU C 29 25.83 -2.86 34.27
N VAL C 30 25.99 -1.97 33.29
CA VAL C 30 25.04 -0.86 33.10
C VAL C 30 23.70 -1.31 32.53
N ASP C 31 23.71 -2.15 31.50
CA ASP C 31 22.48 -2.72 30.96
C ASP C 31 21.71 -3.43 32.06
N GLY C 32 22.43 -4.20 32.88
CA GLY C 32 21.84 -4.95 33.97
C GLY C 32 21.18 -4.06 35.01
N TYR C 33 21.85 -2.96 35.36
CA TYR C 33 21.30 -2.01 36.31
C TYR C 33 19.97 -1.45 35.84
N PHE C 34 19.91 -1.03 34.59
CA PHE C 34 18.70 -0.45 34.02
C PHE C 34 17.60 -1.50 33.82
N LEU C 35 17.99 -2.71 33.46
CA LEU C 35 17.03 -3.80 33.32
C LEU C 35 16.36 -4.11 34.65
N GLN C 36 17.07 -3.83 35.73
CA GLN C 36 16.55 -4.06 37.08
C GLN C 36 15.67 -2.90 37.55
N HIS C 37 16.08 -1.68 37.25
CA HIS C 37 15.44 -0.51 37.83
C HIS C 37 14.49 0.25 36.89
N TRP C 38 14.90 0.43 35.64
CA TRP C 38 14.07 1.18 34.70
C TRP C 38 12.78 0.44 34.39
N ASN C 39 11.68 1.19 34.33
CA ASN C 39 10.37 0.62 34.09
C ASN C 39 10.08 0.39 32.60
N PHE C 40 10.54 -0.72 32.07
CA PHE C 40 10.26 -1.07 30.68
C PHE C 40 8.83 -1.59 30.53
N PRO C 41 8.12 -1.09 29.50
CA PRO C 41 6.70 -1.39 29.30
C PRO C 41 6.42 -2.86 29.00
N ASN C 42 7.34 -3.54 28.33
CA ASN C 42 7.18 -4.96 28.03
C ASN C 42 8.51 -5.62 27.69
N GLU C 43 8.47 -6.92 27.39
CA GLU C 43 9.68 -7.68 27.10
C GLU C 43 10.31 -7.25 25.78
N LYS C 44 9.47 -6.85 24.83
CA LYS C 44 9.95 -6.40 23.52
C LYS C 44 10.83 -5.16 23.68
N ALA C 45 10.39 -4.24 24.52
CA ALA C 45 11.15 -3.02 24.80
C ALA C 45 12.46 -3.36 25.49
N ARG C 46 12.42 -4.36 26.37
CA ARG C 46 13.62 -4.80 27.08
C ARG C 46 14.66 -5.34 26.11
N LYS C 47 14.19 -6.07 25.09
CA LYS C 47 15.07 -6.60 24.06
C LYS C 47 15.68 -5.47 23.24
N LYS C 48 14.83 -4.55 22.80
CA LYS C 48 15.27 -3.43 21.96
C LYS C 48 16.27 -2.55 22.69
N PHE C 49 16.09 -2.40 24.00
CA PHE C 49 17.01 -1.62 24.83
C PHE C 49 18.42 -2.21 24.78
N VAL C 50 18.52 -3.51 25.02
CA VAL C 50 19.80 -4.20 24.98
C VAL C 50 20.40 -4.17 23.57
N ALA C 51 19.53 -4.27 22.57
CA ALA C 51 19.97 -4.28 21.17
C ALA C 51 20.66 -2.97 20.79
N ALA C 52 20.23 -1.87 21.40
CA ALA C 52 20.79 -0.56 21.06
C ALA C 52 22.27 -0.45 21.38
N GLY C 53 22.69 -1.13 22.45
CA GLY C 53 24.08 -1.10 22.88
C GLY C 53 24.48 0.29 23.35
N PHE C 54 23.68 0.83 24.27
CA PHE C 54 23.89 2.18 24.78
C PHE C 54 25.24 2.37 25.47
N SER C 55 25.74 1.32 26.11
CA SER C 55 27.05 1.38 26.75
C SER C 55 28.16 1.21 25.72
N ARG C 56 27.83 0.61 24.58
CA ARG C 56 28.80 0.43 23.51
C ARG C 56 29.13 1.76 22.82
N VAL C 57 28.12 2.61 22.68
CA VAL C 57 28.32 3.95 22.14
C VAL C 57 29.31 4.70 23.02
N THR C 58 29.01 4.70 24.30
CA THR C 58 29.79 5.42 25.30
C THR C 58 31.25 4.98 25.30
N CYS C 59 31.47 3.68 25.18
CA CYS C 59 32.82 3.14 25.15
C CYS C 59 33.54 3.51 23.86
N LEU C 60 32.77 3.73 22.80
CA LEU C 60 33.33 4.18 21.53
C LEU C 60 33.59 5.68 21.54
N TYR C 61 32.72 6.43 22.21
CA TYR C 61 32.88 7.87 22.35
C TYR C 61 34.10 8.21 23.21
N PHE C 62 34.25 7.50 24.33
CA PHE C 62 35.33 7.77 25.25
C PHE C 62 36.18 6.53 25.50
N PRO C 63 36.96 6.10 24.49
CA PRO C 63 37.74 4.87 24.60
C PRO C 63 38.91 4.98 25.58
N LYS C 64 39.36 6.20 25.85
CA LYS C 64 40.49 6.41 26.76
C LYS C 64 40.06 6.90 28.14
N ALA C 65 38.78 6.71 28.46
CA ALA C 65 38.27 7.04 29.78
C ALA C 65 38.94 6.15 30.82
N LEU C 66 39.09 6.65 32.04
CA LEU C 66 39.65 5.85 33.12
C LEU C 66 38.76 4.65 33.41
N ASP C 67 39.39 3.54 33.79
CA ASP C 67 38.68 2.27 33.99
C ASP C 67 37.61 2.35 35.08
N ASP C 68 37.84 3.16 36.10
CA ASP C 68 36.90 3.28 37.21
C ASP C 68 35.95 4.46 37.06
N ARG C 69 35.79 4.95 35.83
CA ARG C 69 34.93 6.11 35.58
C ARG C 69 34.08 5.96 34.32
N ILE C 70 34.41 4.97 33.50
CA ILE C 70 33.69 4.74 32.25
C ILE C 70 32.22 4.39 32.51
N HIS C 71 31.97 3.72 33.63
CA HIS C 71 30.62 3.27 33.96
C HIS C 71 29.68 4.43 34.27
N PHE C 72 30.23 5.51 34.82
CA PHE C 72 29.45 6.72 35.08
C PHE C 72 28.92 7.28 33.77
N ALA C 73 29.80 7.39 32.78
CA ALA C 73 29.43 7.90 31.47
C ALA C 73 28.40 7.01 30.79
N CYS C 74 28.55 5.70 30.96
CA CYS C 74 27.61 4.76 30.37
C CYS C 74 26.22 4.91 30.97
N ARG C 75 26.17 5.17 32.27
CA ARG C 75 24.89 5.33 32.98
C ARG C 75 24.19 6.63 32.57
N LEU C 76 24.97 7.71 32.45
CA LEU C 76 24.41 9.01 32.08
C LEU C 76 23.84 8.99 30.67
N LEU C 77 24.61 8.48 29.72
CA LEU C 77 24.17 8.44 28.33
C LEU C 77 22.99 7.49 28.14
N THR C 78 22.98 6.40 28.88
CA THR C 78 21.90 5.41 28.79
C THR C 78 20.57 6.01 29.23
N VAL C 79 20.56 6.67 30.38
CA VAL C 79 19.33 7.24 30.91
C VAL C 79 18.84 8.41 30.05
N LEU C 80 19.76 9.18 29.48
CA LEU C 80 19.39 10.28 28.61
C LEU C 80 18.82 9.76 27.29
N PHE C 81 19.38 8.64 26.81
CA PHE C 81 18.86 7.99 25.62
C PHE C 81 17.43 7.52 25.84
N LEU C 82 17.18 6.91 26.99
CA LEU C 82 15.85 6.42 27.34
C LEU C 82 14.85 7.56 27.41
N ILE C 83 15.25 8.69 28.00
CA ILE C 83 14.38 9.85 28.10
C ILE C 83 14.14 10.45 26.71
N ASP C 84 15.21 10.48 25.91
CA ASP C 84 15.15 10.99 24.55
C ASP C 84 14.05 10.30 23.74
N ASP C 85 13.87 9.00 23.97
CA ASP C 85 12.82 8.25 23.28
C ASP C 85 11.44 8.51 23.89
N LEU C 86 11.40 8.71 25.20
CA LEU C 86 10.16 9.00 25.90
C LEU C 86 9.57 10.33 25.47
N LEU C 87 10.45 11.29 25.19
CA LEU C 87 10.04 12.64 24.81
C LEU C 87 9.32 12.67 23.46
N GLU C 88 9.59 11.67 22.62
CA GLU C 88 8.99 11.61 21.29
C GLU C 88 7.48 11.42 21.34
N TYR C 89 6.98 10.89 22.46
CA TYR C 89 5.55 10.68 22.62
C TYR C 89 4.90 11.70 23.55
N MET C 90 5.58 12.84 23.72
CA MET C 90 5.04 13.92 24.53
C MET C 90 4.97 15.20 23.72
N SER C 91 4.12 16.12 24.14
CA SER C 91 4.11 17.45 23.56
C SER C 91 5.34 18.19 24.04
N PHE C 92 5.64 19.33 23.43
CA PHE C 92 6.77 20.14 23.86
C PHE C 92 6.60 20.58 25.31
N GLU C 93 5.37 20.88 25.68
CA GLU C 93 5.05 21.34 27.03
C GLU C 93 5.21 20.23 28.05
N GLU C 94 4.65 19.06 27.74
CA GLU C 94 4.76 17.89 28.61
C GLU C 94 6.22 17.45 28.74
N GLY C 95 6.94 17.50 27.63
CA GLY C 95 8.33 17.10 27.61
C GLY C 95 9.20 18.02 28.44
N SER C 96 8.90 19.31 28.38
CA SER C 96 9.63 20.30 29.16
C SER C 96 9.40 20.10 30.65
N ALA C 97 8.16 19.90 31.05
CA ALA C 97 7.81 19.67 32.45
C ALA C 97 8.48 18.38 32.96
N TYR C 98 8.61 17.41 32.08
CA TYR C 98 9.25 16.14 32.42
C TYR C 98 10.73 16.38 32.72
N ASN C 99 11.40 17.10 31.83
CA ASN C 99 12.81 17.41 31.99
C ASN C 99 13.13 18.35 33.14
N GLU C 100 12.34 19.42 33.26
CA GLU C 100 12.56 20.42 34.31
C GLU C 100 12.49 19.81 35.70
N LYS C 101 11.65 18.81 35.86
CA LYS C 101 11.51 18.12 37.14
C LYS C 101 12.79 17.40 37.53
N LEU C 102 13.54 16.96 36.53
CA LEU C 102 14.76 16.18 36.76
C LEU C 102 16.00 17.06 36.98
N ILE C 103 15.85 18.37 36.80
CA ILE C 103 17.00 19.28 36.90
C ILE C 103 17.44 19.58 38.35
N PRO C 104 16.50 19.96 39.24
CA PRO C 104 16.93 20.15 40.63
C PRO C 104 17.37 18.82 41.26
N ILE C 105 16.82 17.72 40.76
CA ILE C 105 17.19 16.39 41.24
C ILE C 105 18.62 16.04 40.82
N SER C 106 18.97 16.41 39.59
CA SER C 106 20.33 16.21 39.10
C SER C 106 21.34 17.03 39.91
N ARG C 107 20.92 18.22 40.34
CA ARG C 107 21.78 19.08 41.14
C ARG C 107 21.98 18.48 42.54
N GLY C 108 20.99 17.70 42.98
CA GLY C 108 21.01 17.16 44.32
C GLY C 108 20.24 18.05 45.28
N ASP C 109 19.56 19.05 44.73
CA ASP C 109 18.79 20.01 45.54
C ASP C 109 17.44 19.43 45.97
N VAL C 110 16.92 18.47 45.20
CA VAL C 110 15.63 17.87 45.51
C VAL C 110 15.71 16.34 45.55
N LEU C 111 15.20 15.76 46.63
CA LEU C 111 15.18 14.31 46.77
C LEU C 111 14.24 13.67 45.76
N PRO C 112 14.58 12.46 45.28
CA PRO C 112 13.74 11.77 44.30
C PRO C 112 12.58 11.00 44.94
N ASP C 113 11.46 10.94 44.24
CA ASP C 113 10.40 10.01 44.59
C ASP C 113 10.88 8.63 44.16
N ARG C 114 11.21 7.78 45.13
CA ARG C 114 11.80 6.48 44.83
C ARG C 114 10.84 5.49 44.18
N SER C 115 9.56 5.87 44.08
CA SER C 115 8.59 5.05 43.37
C SER C 115 8.67 5.33 41.87
N ILE C 116 9.38 6.41 41.53
CA ILE C 116 9.58 6.78 40.14
C ILE C 116 11.04 6.56 39.74
N PRO C 117 11.30 5.47 39.01
CA PRO C 117 12.65 5.03 38.60
C PRO C 117 13.52 6.14 38.01
N VAL C 118 12.97 6.90 37.07
CA VAL C 118 13.74 7.95 36.42
C VAL C 118 14.29 8.97 37.41
N GLU C 119 13.54 9.24 38.48
CA GLU C 119 13.96 10.20 39.47
C GLU C 119 15.14 9.72 40.33
N TYR C 120 15.07 8.50 40.83
CA TYR C 120 16.14 8.02 41.69
C TYR C 120 17.38 7.58 40.91
N ILE C 121 17.18 7.09 39.70
CA ILE C 121 18.32 6.77 38.83
C ILE C 121 19.13 8.03 38.57
N ILE C 122 18.43 9.11 38.24
CA ILE C 122 19.05 10.41 38.01
C ILE C 122 19.74 10.92 39.28
N TYR C 123 19.03 10.87 40.40
CA TYR C 123 19.58 11.36 41.66
C TYR C 123 20.82 10.58 42.10
N ASP C 124 20.69 9.27 42.19
CA ASP C 124 21.78 8.42 42.65
C ASP C 124 23.02 8.53 41.77
N LEU C 125 22.80 8.67 40.47
CA LEU C 125 23.90 8.78 39.52
C LEU C 125 24.73 10.03 39.73
N TRP C 126 24.06 11.18 39.78
CA TRP C 126 24.74 12.45 39.95
C TRP C 126 25.42 12.57 41.33
N GLU C 127 24.78 12.01 42.35
CA GLU C 127 25.36 11.98 43.68
C GLU C 127 26.63 11.13 43.70
N SER C 128 26.56 10.00 43.02
CA SER C 128 27.71 9.08 42.95
C SER C 128 28.85 9.72 42.18
N MET C 129 28.52 10.49 41.14
CA MET C 129 29.52 11.16 40.33
C MET C 129 30.21 12.29 41.10
N ARG C 130 29.44 13.04 41.89
CA ARG C 130 30.00 14.10 42.72
C ARG C 130 30.90 13.53 43.82
N ALA C 131 30.55 12.35 44.31
CA ALA C 131 31.34 11.68 45.33
C ALA C 131 32.71 11.28 44.78
N HIS C 132 32.72 10.88 43.51
CA HIS C 132 33.95 10.44 42.86
C HIS C 132 34.85 11.63 42.50
N ASP C 133 34.25 12.66 41.91
CA ASP C 133 34.98 13.87 41.53
C ASP C 133 34.01 15.05 41.49
N ARG C 134 33.94 15.78 42.59
CA ARG C 134 32.96 16.85 42.76
C ARG C 134 33.09 17.95 41.71
N GLU C 135 34.30 18.47 41.55
CA GLU C 135 34.53 19.59 40.64
C GLU C 135 34.19 19.24 39.19
N MET C 136 34.66 18.09 38.74
CA MET C 136 34.44 17.70 37.34
C MET C 136 33.00 17.29 37.08
N ALA C 137 32.33 16.76 38.10
CA ALA C 137 30.94 16.36 37.97
C ALA C 137 30.04 17.59 37.81
N ASP C 138 30.31 18.62 38.62
CA ASP C 138 29.53 19.85 38.58
C ASP C 138 29.58 20.54 37.23
N GLU C 139 30.68 20.33 36.50
CA GLU C 139 30.88 20.99 35.23
C GLU C 139 30.11 20.32 34.09
N ILE C 140 29.42 19.23 34.41
CA ILE C 140 28.60 18.53 33.43
C ILE C 140 27.14 18.98 33.56
N LEU C 141 26.81 19.50 34.74
CA LEU C 141 25.43 19.87 35.08
C LEU C 141 24.74 20.78 34.06
N GLU C 142 25.21 22.02 33.96
CA GLU C 142 24.63 22.98 33.02
C GLU C 142 24.66 22.56 31.55
N PRO C 143 25.76 21.92 31.08
CA PRO C 143 25.71 21.40 29.71
C PRO C 143 24.58 20.40 29.49
N VAL C 144 24.31 19.55 30.47
CA VAL C 144 23.21 18.61 30.38
C VAL C 144 21.88 19.36 30.36
N PHE C 145 21.75 20.36 31.22
CA PHE C 145 20.54 21.16 31.30
C PHE C 145 20.28 21.92 30.00
N LEU C 146 21.35 22.40 29.38
CA LEU C 146 21.27 23.08 28.10
C LEU C 146 20.75 22.12 27.04
N PHE C 147 21.20 20.87 27.12
CA PHE C 147 20.79 19.82 26.21
C PHE C 147 19.31 19.46 26.40
N MET C 148 18.91 19.28 27.66
CA MET C 148 17.55 18.89 27.98
C MET C 148 16.52 19.92 27.52
N ARG C 149 16.86 21.19 27.66
CA ARG C 149 15.96 22.28 27.29
C ARG C 149 15.88 22.46 25.78
N ALA C 150 16.93 22.06 25.07
CA ALA C 150 16.92 22.11 23.62
C ALA C 150 15.99 21.05 23.03
N GLN C 151 15.81 19.97 23.78
CA GLN C 151 15.00 18.84 23.32
C GLN C 151 13.54 19.22 23.09
N THR C 152 13.04 20.16 23.87
CA THR C 152 11.64 20.56 23.78
C THR C 152 11.50 22.01 23.31
N ASP C 153 12.59 22.55 22.76
CA ASP C 153 12.57 23.92 22.24
C ASP C 153 11.61 23.99 21.06
N ARG C 154 10.71 24.97 21.09
CA ARG C 154 9.71 25.16 20.05
C ARG C 154 10.33 25.41 18.68
N THR C 155 11.62 25.76 18.66
CA THR C 155 12.33 26.03 17.42
C THR C 155 12.40 24.79 16.53
N ARG C 156 12.14 23.62 17.11
CA ARG C 156 12.12 22.37 16.35
C ARG C 156 11.01 22.37 15.30
N ALA C 157 9.92 23.08 15.60
CA ALA C 157 8.75 23.05 14.75
C ALA C 157 8.63 24.30 13.87
N ARG C 158 9.70 25.07 13.79
CA ARG C 158 9.74 26.27 12.95
C ARG C 158 10.79 26.10 11.85
N PRO C 159 10.60 26.78 10.70
CA PRO C 159 11.54 26.68 9.58
C PRO C 159 12.97 27.00 9.97
N MET C 160 13.90 26.17 9.50
CA MET C 160 15.32 26.37 9.78
C MET C 160 16.15 26.09 8.53
N GLY C 161 17.15 26.94 8.29
CA GLY C 161 18.14 26.67 7.27
C GLY C 161 19.15 25.70 7.83
N LEU C 162 20.10 25.28 7.01
CA LEU C 162 21.14 24.35 7.46
C LEU C 162 21.98 24.96 8.58
N GLY C 163 22.37 26.22 8.40
CA GLY C 163 23.18 26.91 9.38
C GLY C 163 22.46 27.09 10.71
N GLY C 164 21.20 27.50 10.64
CA GLY C 164 20.39 27.65 11.85
C GLY C 164 20.20 26.34 12.57
N TYR C 165 20.01 25.28 11.81
CA TYR C 165 19.83 23.94 12.36
C TYR C 165 21.07 23.48 13.14
N LEU C 166 22.23 23.57 12.51
CA LEU C 166 23.49 23.15 13.13
C LEU C 166 23.74 23.93 14.42
N GLU C 167 23.39 25.21 14.42
CA GLU C 167 23.48 26.06 15.61
C GLU C 167 22.64 25.49 16.75
N TYR C 168 21.39 25.15 16.45
CA TYR C 168 20.49 24.58 17.44
C TYR C 168 20.89 23.15 17.82
N ARG C 169 21.35 22.40 16.83
CA ARG C 169 21.68 20.99 16.98
C ARG C 169 22.81 20.79 17.98
N GLU C 170 23.72 21.76 18.07
CA GLU C 170 24.85 21.69 18.99
C GLU C 170 24.39 21.45 20.42
N ARG C 171 23.23 22.01 20.76
CA ARG C 171 22.65 21.84 22.08
C ARG C 171 21.83 20.54 22.12
N ASP C 172 21.04 20.31 21.08
CA ASP C 172 20.16 19.14 21.03
C ASP C 172 20.93 17.82 20.94
N VAL C 173 22.16 17.88 20.41
CA VAL C 173 23.00 16.70 20.33
C VAL C 173 23.88 16.58 21.58
N GLY C 174 23.89 17.66 22.38
CA GLY C 174 24.58 17.66 23.65
C GLY C 174 26.10 17.69 23.52
N LYS C 175 26.60 18.50 22.60
CA LYS C 175 28.04 18.62 22.39
C LYS C 175 28.79 19.00 23.67
N GLU C 176 28.24 19.97 24.40
CA GLU C 176 28.88 20.44 25.63
C GLU C 176 28.91 19.39 26.73
N LEU C 177 27.82 18.64 26.89
CA LEU C 177 27.76 17.63 27.93
C LEU C 177 28.74 16.50 27.63
N LEU C 178 28.86 16.15 26.34
CA LEU C 178 29.80 15.13 25.91
C LEU C 178 31.24 15.56 26.20
N ALA C 179 31.51 16.84 26.00
CA ALA C 179 32.84 17.38 26.25
C ALA C 179 33.18 17.33 27.74
N ALA C 180 32.24 17.74 28.57
CA ALA C 180 32.43 17.72 30.02
C ALA C 180 32.46 16.29 30.55
N LEU C 181 31.67 15.41 29.93
CA LEU C 181 31.61 14.01 30.34
C LEU C 181 32.90 13.29 29.95
N MET C 182 33.43 13.61 28.78
CA MET C 182 34.70 13.04 28.34
C MET C 182 35.82 13.44 29.27
N ARG C 183 35.85 14.72 29.65
CA ARG C 183 36.86 15.23 30.55
C ARG C 183 36.74 14.58 31.93
N PHE C 184 35.51 14.45 32.42
CA PHE C 184 35.25 13.79 33.69
C PHE C 184 35.76 12.36 33.66
N SER C 185 35.41 11.64 32.60
CA SER C 185 35.72 10.23 32.49
C SER C 185 37.21 9.96 32.35
N MET C 186 37.94 10.95 31.84
CA MET C 186 39.38 10.82 31.64
C MET C 186 40.16 11.50 32.76
N GLY C 187 39.45 12.21 33.63
CA GLY C 187 40.09 12.98 34.68
C GLY C 187 40.91 14.12 34.08
N LEU C 188 40.51 14.55 32.88
CA LEU C 188 41.24 15.56 32.14
C LEU C 188 40.81 16.97 32.54
N LYS C 189 41.65 17.65 33.31
CA LYS C 189 41.35 19.01 33.74
C LYS C 189 41.94 20.07 32.82
N LEU C 190 41.10 21.02 32.44
CA LEU C 190 41.49 22.09 31.53
C LEU C 190 41.21 23.46 32.13
N SER C 191 42.19 24.35 32.05
CA SER C 191 42.00 25.71 32.51
C SER C 191 40.99 26.40 31.60
N PRO C 192 40.33 27.46 32.09
CA PRO C 192 39.41 28.23 31.26
C PRO C 192 40.08 28.73 29.99
N SER C 193 41.35 29.12 30.10
CA SER C 193 42.11 29.59 28.95
C SER C 193 42.26 28.48 27.90
N GLU C 194 42.62 27.28 28.36
CA GLU C 194 42.78 26.14 27.47
C GLU C 194 41.48 25.80 26.74
N LEU C 195 40.37 25.82 27.46
CA LEU C 195 39.06 25.53 26.86
C LEU C 195 38.69 26.56 25.80
N GLN C 196 39.10 27.81 26.02
CA GLN C 196 38.81 28.88 25.08
C GLN C 196 39.61 28.74 23.78
N ARG C 197 40.77 28.11 23.88
CA ARG C 197 41.64 27.95 22.71
C ARG C 197 41.06 26.95 21.72
N VAL C 198 40.26 26.02 22.22
CA VAL C 198 39.71 24.95 21.39
C VAL C 198 38.21 25.12 21.09
N ARG C 199 37.71 26.34 21.20
CA ARG C 199 36.30 26.62 20.94
C ARG C 199 35.89 26.30 19.51
N GLU C 200 36.70 26.75 18.55
CA GLU C 200 36.42 26.48 17.13
C GLU C 200 36.43 24.99 16.84
N ILE C 201 37.35 24.28 17.47
CA ILE C 201 37.47 22.83 17.30
C ILE C 201 36.24 22.13 17.83
N ASP C 202 35.72 22.61 18.96
CA ASP C 202 34.49 22.07 19.53
C ASP C 202 33.28 22.27 18.61
N ALA C 203 33.12 23.49 18.11
CA ALA C 203 32.00 23.83 17.24
C ALA C 203 32.02 22.99 15.97
N ASN C 204 33.22 22.77 15.44
CA ASN C 204 33.38 21.94 14.24
C ASN C 204 33.01 20.49 14.50
N CYS C 205 33.44 19.98 15.65
CA CYS C 205 33.16 18.59 16.04
C CYS C 205 31.66 18.35 16.19
N SER C 206 30.97 19.31 16.78
CA SER C 206 29.53 19.22 17.01
C SER C 206 28.75 18.97 15.73
N LYS C 207 29.15 19.64 14.66
CA LYS C 207 28.48 19.49 13.37
C LYS C 207 28.67 18.08 12.83
N HIS C 208 29.87 17.54 13.01
CA HIS C 208 30.18 16.20 12.56
C HIS C 208 29.33 15.17 13.29
N LEU C 209 29.29 15.26 14.62
CA LEU C 209 28.48 14.37 15.43
C LEU C 209 27.00 14.47 15.06
N SER C 210 26.52 15.68 14.85
CA SER C 210 25.12 15.93 14.54
C SER C 210 24.70 15.28 13.23
N VAL C 211 25.44 15.57 12.16
CA VAL C 211 25.08 15.11 10.83
C VAL C 211 25.26 13.60 10.65
N VAL C 212 26.33 13.05 11.21
CA VAL C 212 26.55 11.60 11.16
C VAL C 212 25.38 10.85 11.79
N ASN C 213 24.87 11.37 12.90
CA ASN C 213 23.69 10.80 13.53
C ASN C 213 22.45 10.98 12.66
N ASP C 214 22.25 12.18 12.15
CA ASP C 214 21.12 12.49 11.28
C ASP C 214 21.06 11.53 10.09
N ILE C 215 22.22 11.21 9.56
CA ILE C 215 22.32 10.35 8.39
C ILE C 215 21.81 8.93 8.68
N TYR C 216 22.27 8.35 9.78
CA TYR C 216 21.95 6.97 10.11
C TYR C 216 20.63 6.80 10.87
N SER C 217 20.17 7.87 11.51
CA SER C 217 18.96 7.79 12.31
C SER C 217 17.74 8.33 11.58
N TYR C 218 17.90 8.63 10.29
CA TYR C 218 16.81 9.23 9.52
C TYR C 218 15.59 8.32 9.39
N GLU C 219 15.81 7.05 9.07
CA GLU C 219 14.72 6.10 8.91
C GLU C 219 13.93 5.95 10.21
N LYS C 220 14.64 5.84 11.32
CA LYS C 220 14.03 5.76 12.63
C LYS C 220 13.18 7.00 12.91
N GLU C 221 13.75 8.17 12.64
CA GLU C 221 13.09 9.43 12.92
C GLU C 221 11.98 9.74 11.91
N LEU C 222 12.10 9.17 10.71
CA LEU C 222 11.04 9.31 9.71
C LEU C 222 9.81 8.55 10.22
N TYR C 223 10.02 7.30 10.59
CA TYR C 223 8.94 6.45 11.11
C TYR C 223 8.32 7.05 12.37
N THR C 224 9.15 7.65 13.21
CA THR C 224 8.68 8.30 14.43
C THR C 224 7.73 9.45 14.11
N SER C 225 8.09 10.26 13.13
CA SER C 225 7.27 11.40 12.73
C SER C 225 5.92 10.94 12.17
N LYS C 226 5.85 9.69 11.75
CA LYS C 226 4.63 9.12 11.19
C LYS C 226 3.74 8.51 12.27
N THR C 227 4.33 8.21 13.42
CA THR C 227 3.64 7.40 14.42
C THR C 227 3.57 7.99 15.83
N ALA C 228 4.60 8.74 16.22
CA ALA C 228 4.67 9.29 17.57
C ALA C 228 3.83 10.55 17.74
N HIS C 229 4.20 11.38 18.70
CA HIS C 229 3.48 12.63 18.96
C HIS C 229 3.77 13.64 17.86
N SER C 230 2.77 14.46 17.54
CA SER C 230 2.90 15.45 16.48
C SER C 230 3.99 16.48 16.77
N GLU C 231 4.25 16.71 18.05
CA GLU C 231 5.29 17.65 18.46
C GLU C 231 6.59 16.93 18.80
N GLY C 232 6.53 16.04 19.78
CA GLY C 232 7.70 15.32 20.24
C GLY C 232 8.35 14.44 19.18
N GLY C 233 7.55 14.00 18.21
CA GLY C 233 8.06 13.14 17.16
C GLY C 233 8.40 13.88 15.88
N ILE C 234 8.37 15.21 15.93
CA ILE C 234 8.59 16.04 14.75
C ILE C 234 9.92 15.70 14.06
N LEU C 235 9.89 15.72 12.73
CA LEU C 235 11.09 15.51 11.94
C LEU C 235 11.95 16.76 11.96
N CYS C 236 13.11 16.66 12.60
CA CYS C 236 14.04 17.79 12.68
C CYS C 236 15.46 17.27 12.51
N THR C 237 15.96 17.36 11.28
CA THR C 237 17.24 16.76 10.92
C THR C 237 17.83 17.39 9.66
N SER C 238 19.15 17.41 9.58
CA SER C 238 19.85 18.00 8.44
C SER C 238 19.51 17.29 7.13
N VAL C 239 19.13 16.02 7.23
CA VAL C 239 18.75 15.24 6.05
C VAL C 239 17.53 15.86 5.38
N GLN C 240 16.50 16.14 6.19
CA GLN C 240 15.27 16.72 5.66
C GLN C 240 15.45 18.20 5.32
N ILE C 241 16.27 18.88 6.11
CA ILE C 241 16.56 20.29 5.89
C ILE C 241 17.19 20.50 4.52
N LEU C 242 18.28 19.79 4.25
CA LEU C 242 19.01 19.92 2.99
C LEU C 242 18.18 19.46 1.80
N ALA C 243 17.44 18.37 1.98
CA ALA C 243 16.60 17.82 0.91
C ALA C 243 15.58 18.83 0.44
N GLN C 244 15.01 19.58 1.38
CA GLN C 244 14.05 20.62 1.04
C GLN C 244 14.77 21.85 0.46
N GLU C 245 15.94 22.16 1.01
CA GLU C 245 16.72 23.29 0.54
C GLU C 245 17.16 23.11 -0.91
N ALA C 246 17.68 21.92 -1.22
CA ALA C 246 18.26 21.67 -2.54
C ALA C 246 17.32 20.92 -3.47
N ASP C 247 16.09 20.69 -3.00
CA ASP C 247 15.06 20.02 -3.80
C ASP C 247 15.50 18.65 -4.30
N VAL C 248 15.99 17.81 -3.39
CA VAL C 248 16.36 16.44 -3.73
C VAL C 248 15.77 15.47 -2.71
N THR C 249 16.15 14.21 -2.82
CA THR C 249 15.64 13.18 -1.91
C THR C 249 16.52 13.04 -0.68
N ALA C 250 16.02 12.31 0.31
CA ALA C 250 16.75 12.11 1.56
C ALA C 250 18.06 11.37 1.33
N GLU C 251 18.02 10.32 0.52
CA GLU C 251 19.21 9.54 0.20
C GLU C 251 20.21 10.37 -0.59
N ALA C 252 19.71 11.31 -1.38
CA ALA C 252 20.58 12.25 -2.07
C ALA C 252 21.18 13.21 -1.06
N ALA C 253 20.35 13.66 -0.12
CA ALA C 253 20.80 14.53 0.95
C ALA C 253 21.87 13.85 1.81
N LYS C 254 21.64 12.57 2.11
CA LYS C 254 22.58 11.80 2.93
C LYS C 254 23.97 11.72 2.29
N ARG C 255 23.99 11.52 0.97
CA ARG C 255 25.26 11.42 0.25
C ARG C 255 26.02 12.75 0.28
N VAL C 256 25.30 13.84 0.13
CA VAL C 256 25.90 15.17 0.16
C VAL C 256 26.41 15.48 1.57
N LEU C 257 25.56 15.25 2.56
CA LEU C 257 25.89 15.53 3.95
C LEU C 257 27.09 14.72 4.43
N PHE C 258 27.24 13.51 3.91
CA PHE C 258 28.34 12.64 4.30
C PHE C 258 29.67 13.21 3.80
N VAL C 259 29.64 13.81 2.62
CA VAL C 259 30.82 14.45 2.04
C VAL C 259 31.20 15.66 2.89
N MET C 260 30.19 16.38 3.38
CA MET C 260 30.41 17.54 4.24
C MET C 260 31.11 17.14 5.54
N CYS C 261 30.74 15.98 6.07
CA CYS C 261 31.33 15.47 7.30
C CYS C 261 32.84 15.27 7.15
N ARG C 262 33.25 14.76 6.01
CA ARG C 262 34.67 14.53 5.75
C ARG C 262 35.43 15.85 5.63
N GLU C 263 34.72 16.90 5.20
CA GLU C 263 35.30 18.24 5.16
C GLU C 263 35.53 18.76 6.58
N TRP C 264 34.57 18.48 7.46
CA TRP C 264 34.70 18.84 8.86
C TRP C 264 35.87 18.08 9.51
N GLU C 265 36.09 16.86 9.04
CA GLU C 265 37.22 16.07 9.52
C GLU C 265 38.54 16.70 9.11
N LEU C 266 38.60 17.21 7.87
CA LEU C 266 39.78 17.89 7.39
C LEU C 266 40.02 19.19 8.14
N ARG C 267 38.94 19.93 8.39
CA ARG C 267 39.02 21.18 9.14
C ARG C 267 39.50 20.95 10.56
N HIS C 268 39.05 19.86 11.16
CA HIS C 268 39.49 19.47 12.50
C HIS C 268 41.01 19.30 12.55
N GLN C 269 41.53 18.54 11.61
CA GLN C 269 42.97 18.28 11.53
C GLN C 269 43.75 19.57 11.27
N LEU C 270 43.16 20.46 10.49
CA LEU C 270 43.81 21.74 10.16
C LEU C 270 43.86 22.65 11.38
N LEU C 271 42.76 22.71 12.14
CA LEU C 271 42.71 23.53 13.34
C LEU C 271 43.68 23.01 14.41
N VAL C 272 43.74 21.70 14.55
CA VAL C 272 44.65 21.08 15.51
C VAL C 272 46.11 21.32 15.12
N ALA C 273 46.42 21.13 13.84
CA ALA C 273 47.77 21.36 13.33
C ALA C 273 48.18 22.81 13.55
N ARG C 274 47.24 23.73 13.34
CA ARG C 274 47.49 25.15 13.57
C ARG C 274 47.71 25.40 15.05
N LEU C 275 46.88 24.79 15.89
CA LEU C 275 47.00 24.93 17.34
C LEU C 275 48.38 24.47 17.83
N SER C 276 48.91 23.43 17.19
CA SER C 276 50.20 22.89 17.57
C SER C 276 51.36 23.66 16.93
N ALA C 277 51.10 24.21 15.75
CA ALA C 277 52.10 25.03 15.05
C ALA C 277 52.49 26.22 15.91
N GLU C 278 51.50 26.98 16.33
CA GLU C 278 51.71 27.99 17.36
C GLU C 278 51.91 27.19 18.64
N GLY C 279 52.71 27.70 19.56
CA GLY C 279 53.02 26.95 20.76
C GLY C 279 51.85 26.85 21.73
N LEU C 280 50.71 26.39 21.24
CA LEU C 280 49.47 26.47 22.00
C LEU C 280 48.86 25.12 22.40
N GLU C 281 49.35 24.03 21.81
CA GLU C 281 48.82 22.72 22.17
C GLU C 281 49.50 22.14 23.41
N THR C 282 48.93 22.44 24.58
CA THR C 282 49.42 21.91 25.85
C THR C 282 49.15 20.38 25.91
N PRO C 283 49.78 19.66 26.86
CA PRO C 283 49.50 18.21 26.96
C PRO C 283 48.01 17.85 27.19
N GLY C 284 47.37 18.59 28.10
CA GLY C 284 45.95 18.43 28.37
C GLY C 284 45.10 18.72 27.14
N LEU C 285 45.60 19.60 26.28
CA LEU C 285 44.87 20.02 25.08
C LEU C 285 45.05 19.00 23.95
N ALA C 286 46.23 18.41 23.90
CA ALA C 286 46.52 17.38 22.91
C ALA C 286 45.65 16.16 23.15
N ALA C 287 45.50 15.81 24.41
CA ALA C 287 44.66 14.68 24.79
C ALA C 287 43.21 14.98 24.50
N TYR C 288 42.81 16.24 24.66
CA TYR C 288 41.44 16.65 24.47
C TYR C 288 40.99 16.56 23.01
N VAL C 289 41.79 17.14 22.11
CA VAL C 289 41.44 17.17 20.69
C VAL C 289 41.47 15.77 20.08
N GLU C 290 42.37 14.92 20.57
CA GLU C 290 42.39 13.53 20.17
C GLU C 290 41.14 12.84 20.68
N GLY C 291 40.72 13.22 21.88
CA GLY C 291 39.49 12.70 22.46
C GLY C 291 38.27 13.07 21.65
N LEU C 292 38.30 14.26 21.05
CA LEU C 292 37.21 14.71 20.19
C LEU C 292 37.14 13.88 18.91
N GLU C 293 38.31 13.48 18.41
CA GLU C 293 38.36 12.67 17.20
C GLU C 293 37.74 11.29 17.45
N TYR C 294 37.99 10.74 18.62
CA TYR C 294 37.41 9.45 19.01
C TYR C 294 35.89 9.53 19.05
N GLN C 295 35.38 10.69 19.49
CA GLN C 295 33.95 10.91 19.55
C GLN C 295 33.34 10.85 18.15
N MET C 296 34.01 11.48 17.19
CA MET C 296 33.51 11.53 15.82
C MET C 296 33.55 10.16 15.14
N SER C 297 34.68 9.49 15.22
CA SER C 297 34.84 8.17 14.61
C SER C 297 34.01 7.12 15.35
N GLY C 298 33.98 7.22 16.67
CA GLY C 298 33.21 6.31 17.49
C GLY C 298 31.72 6.43 17.22
N ASN C 299 31.26 7.66 17.07
CA ASN C 299 29.85 7.92 16.75
C ASN C 299 29.45 7.32 15.41
N GLU C 300 30.37 7.36 14.45
CA GLU C 300 30.09 6.81 13.13
C GLU C 300 30.07 5.29 13.16
N LEU C 301 31.07 4.68 13.80
CA LEU C 301 31.15 3.24 13.91
C LEU C 301 29.90 2.67 14.55
N TRP C 302 29.47 3.28 15.66
CA TRP C 302 28.29 2.82 16.36
C TRP C 302 27.03 2.99 15.51
N SER C 303 26.91 4.13 14.86
CA SER C 303 25.75 4.44 14.02
C SER C 303 25.58 3.43 12.89
N GLN C 304 26.71 2.96 12.35
CA GLN C 304 26.70 2.04 11.22
C GLN C 304 26.31 0.62 11.63
N THR C 305 26.46 0.31 12.92
CA THR C 305 26.32 -1.06 13.40
C THR C 305 25.14 -1.29 14.34
N THR C 306 24.70 -0.24 15.03
CA THR C 306 23.64 -0.38 16.03
C THR C 306 22.28 -0.75 15.43
N LEU C 307 21.57 -1.64 16.11
CA LEU C 307 20.25 -2.08 15.66
C LEU C 307 19.20 -1.00 15.91
N ARG C 308 19.57 0.01 16.70
CA ARG C 308 18.71 1.14 16.96
C ARG C 308 18.36 1.86 15.65
N TYR C 309 19.31 1.88 14.73
CA TYR C 309 19.10 2.54 13.44
C TYR C 309 18.88 1.51 12.33
N SER C 310 19.35 0.29 12.55
CA SER C 310 19.18 -0.79 11.58
C SER C 310 17.74 -1.30 11.59
N VAL C 311 17.20 -1.54 12.77
CA VAL C 311 15.84 -2.06 12.90
C VAL C 311 14.92 -1.03 13.54
N LEU D 8 40.86 20.82 -7.84
CA LEU D 8 39.44 20.46 -7.83
C LEU D 8 39.12 19.37 -8.84
N GLU D 9 38.93 18.16 -8.36
CA GLU D 9 38.53 17.04 -9.21
C GLU D 9 37.02 16.87 -9.24
N PRO D 10 36.41 17.07 -10.42
CA PRO D 10 34.96 16.90 -10.57
C PRO D 10 34.56 15.44 -10.41
N PRO D 11 33.49 15.20 -9.63
CA PRO D 11 32.94 13.84 -9.48
C PRO D 11 32.46 13.34 -10.84
N PRO D 12 32.57 12.02 -11.08
CA PRO D 12 32.21 11.42 -12.37
C PRO D 12 30.76 11.73 -12.77
N SER D 13 30.54 11.92 -14.06
CA SER D 13 29.22 12.25 -14.56
C SER D 13 28.86 11.37 -15.75
N THR D 14 27.57 11.19 -15.99
CA THR D 14 27.10 10.42 -17.13
C THR D 14 26.67 11.36 -18.26
N PHE D 15 26.63 12.65 -17.95
CA PHE D 15 26.30 13.66 -18.95
C PHE D 15 27.46 13.84 -19.92
N GLN D 16 27.19 13.67 -21.20
CA GLN D 16 28.19 13.89 -22.24
C GLN D 16 27.96 15.21 -22.95
N PRO D 17 28.96 16.12 -22.90
CA PRO D 17 28.85 17.44 -23.51
C PRO D 17 29.06 17.40 -25.02
N LEU D 18 28.22 18.11 -25.76
CA LEU D 18 28.36 18.21 -27.20
C LEU D 18 28.52 19.67 -27.62
N CYS D 19 29.31 19.90 -28.67
CA CYS D 19 29.52 21.26 -29.17
C CYS D 19 29.02 21.39 -30.60
N HIS D 20 28.43 22.54 -30.91
CA HIS D 20 27.95 22.85 -32.25
C HIS D 20 29.12 22.77 -33.22
N PRO D 21 28.91 22.13 -34.38
CA PRO D 21 29.96 21.94 -35.39
C PRO D 21 30.54 23.25 -35.92
N LEU D 22 29.70 24.26 -36.10
CA LEU D 22 30.15 25.52 -36.68
C LEU D 22 30.73 26.48 -35.64
N VAL D 23 31.24 25.94 -34.54
CA VAL D 23 31.74 26.76 -33.44
C VAL D 23 32.91 27.66 -33.85
N GLU D 24 33.77 27.15 -34.73
CA GLU D 24 34.98 27.89 -35.10
C GLU D 24 34.67 29.10 -35.98
N GLU D 25 33.74 28.95 -36.92
CA GLU D 25 33.40 30.04 -37.83
C GLU D 25 32.46 31.04 -37.18
N VAL D 26 31.51 30.55 -36.39
CA VAL D 26 30.55 31.42 -35.72
C VAL D 26 31.23 32.29 -34.68
N SER D 27 32.19 31.72 -33.96
CA SER D 27 32.92 32.46 -32.93
C SER D 27 33.76 33.58 -33.55
N LYS D 28 34.50 33.23 -34.61
CA LYS D 28 35.32 34.20 -35.32
C LYS D 28 34.44 35.30 -35.91
N GLU D 29 33.23 34.92 -36.33
CA GLU D 29 32.26 35.88 -36.85
C GLU D 29 31.75 36.81 -35.76
N VAL D 30 31.35 36.23 -34.62
CA VAL D 30 30.75 37.00 -33.54
C VAL D 30 31.77 37.81 -32.74
N ASP D 31 32.90 37.19 -32.39
CA ASP D 31 33.97 37.92 -31.73
C ASP D 31 34.41 39.09 -32.61
N GLY D 32 34.48 38.84 -33.91
CA GLY D 32 34.87 39.87 -34.86
C GLY D 32 33.93 41.04 -34.88
N TYR D 33 32.63 40.76 -34.75
CA TYR D 33 31.62 41.81 -34.70
C TYR D 33 31.81 42.70 -33.48
N PHE D 34 31.91 42.09 -32.31
CA PHE D 34 32.04 42.85 -31.06
C PHE D 34 33.37 43.57 -30.94
N LEU D 35 34.43 42.97 -31.48
CA LEU D 35 35.73 43.63 -31.50
C LEU D 35 35.69 44.89 -32.36
N GLN D 36 34.72 44.93 -33.28
CA GLN D 36 34.53 46.08 -34.15
C GLN D 36 33.60 47.14 -33.55
N HIS D 37 32.56 46.69 -32.86
CA HIS D 37 31.50 47.60 -32.44
C HIS D 37 31.48 47.94 -30.94
N TRP D 38 31.92 47.00 -30.10
CA TRP D 38 31.85 47.20 -28.65
C TRP D 38 32.92 48.18 -28.14
N ASN D 39 32.56 48.96 -27.13
CA ASN D 39 33.47 49.95 -26.56
C ASN D 39 34.42 49.34 -25.53
N PHE D 40 35.48 48.70 -26.01
CA PHE D 40 36.52 48.19 -25.12
C PHE D 40 37.47 49.31 -24.73
N PRO D 41 37.86 49.36 -23.45
CA PRO D 41 38.71 50.43 -22.92
C PRO D 41 40.14 50.37 -23.43
N ASN D 42 40.62 49.17 -23.73
CA ASN D 42 42.00 49.00 -24.22
C ASN D 42 42.20 47.63 -24.87
N GLU D 43 43.43 47.40 -25.35
CA GLU D 43 43.77 46.16 -26.03
C GLU D 43 43.69 44.97 -25.09
N LYS D 44 44.11 45.18 -23.83
CA LYS D 44 44.10 44.13 -22.82
C LYS D 44 42.69 43.58 -22.64
N ALA D 45 41.70 44.47 -22.68
CA ALA D 45 40.30 44.07 -22.56
C ALA D 45 39.83 43.33 -23.81
N ARG D 46 40.36 43.70 -24.96
CA ARG D 46 40.03 43.04 -26.21
C ARG D 46 40.53 41.60 -26.19
N LYS D 47 41.74 41.42 -25.67
CA LYS D 47 42.34 40.10 -25.54
C LYS D 47 41.58 39.23 -24.54
N LYS D 48 41.22 39.82 -23.41
CA LYS D 48 40.49 39.10 -22.37
C LYS D 48 39.11 38.68 -22.85
N PHE D 49 38.50 39.53 -23.69
CA PHE D 49 37.20 39.24 -24.28
C PHE D 49 37.26 37.98 -25.14
N VAL D 50 38.28 37.90 -25.98
CA VAL D 50 38.47 36.74 -26.85
C VAL D 50 38.80 35.51 -26.01
N ALA D 51 39.62 35.70 -24.99
CA ALA D 51 40.03 34.62 -24.11
C ALA D 51 38.85 33.96 -23.38
N ALA D 52 37.76 34.71 -23.24
CA ALA D 52 36.58 34.20 -22.57
C ALA D 52 35.87 33.13 -23.40
N GLY D 53 35.81 33.35 -24.71
CA GLY D 53 35.15 32.42 -25.61
C GLY D 53 33.65 32.41 -25.41
N PHE D 54 33.03 33.57 -25.54
CA PHE D 54 31.60 33.72 -25.29
C PHE D 54 30.73 33.00 -26.32
N SER D 55 31.29 32.73 -27.49
CA SER D 55 30.57 31.98 -28.51
C SER D 55 30.75 30.48 -28.32
N ARG D 56 31.87 30.09 -27.72
CA ARG D 56 32.14 28.68 -27.47
C ARG D 56 31.18 28.11 -26.43
N VAL D 57 30.88 28.89 -25.40
CA VAL D 57 29.94 28.46 -24.38
C VAL D 57 28.53 28.37 -24.95
N THR D 58 28.21 29.27 -25.88
CA THR D 58 26.91 29.27 -26.51
C THR D 58 26.73 28.04 -27.39
N CYS D 59 27.82 27.60 -28.02
CA CYS D 59 27.79 26.43 -28.88
C CYS D 59 27.76 25.14 -28.06
N LEU D 60 28.29 25.19 -26.84
CA LEU D 60 28.25 24.06 -25.93
C LEU D 60 26.87 23.98 -25.26
N TYR D 61 26.25 25.14 -25.08
CA TYR D 61 24.90 25.21 -24.51
C TYR D 61 23.87 24.67 -25.49
N PHE D 62 23.97 25.09 -26.74
CA PHE D 62 22.98 24.73 -27.75
C PHE D 62 23.62 24.02 -28.95
N PRO D 63 24.14 22.80 -28.73
CA PRO D 63 24.88 22.13 -29.80
C PRO D 63 24.01 21.60 -30.94
N LYS D 64 22.69 21.71 -30.80
CA LYS D 64 21.78 21.25 -31.85
C LYS D 64 20.97 22.39 -32.44
N ALA D 65 21.47 23.61 -32.29
CA ALA D 65 20.85 24.77 -32.90
C ALA D 65 20.98 24.68 -34.42
N LEU D 66 20.02 25.27 -35.13
CA LEU D 66 20.08 25.31 -36.58
C LEU D 66 21.30 26.12 -37.01
N ASP D 67 21.95 25.67 -38.09
CA ASP D 67 23.19 26.29 -38.56
C ASP D 67 23.06 27.77 -38.89
N ASP D 68 21.84 28.21 -39.17
CA ASP D 68 21.59 29.60 -39.51
C ASP D 68 20.98 30.37 -38.35
N ARG D 69 21.01 29.78 -37.16
CA ARG D 69 20.43 30.41 -35.98
C ARG D 69 21.41 30.49 -34.80
N ILE D 70 22.48 29.71 -34.88
CA ILE D 70 23.45 29.62 -33.78
C ILE D 70 24.14 30.96 -33.51
N HIS D 71 24.47 31.70 -34.56
CA HIS D 71 25.15 32.98 -34.42
C HIS D 71 24.27 33.99 -33.68
N PHE D 72 22.97 33.86 -33.82
CA PHE D 72 22.03 34.72 -33.11
C PHE D 72 22.16 34.56 -31.61
N ALA D 73 22.25 33.30 -31.17
CA ALA D 73 22.36 32.99 -29.75
C ALA D 73 23.70 33.47 -29.19
N CYS D 74 24.75 33.30 -29.98
CA CYS D 74 26.09 33.74 -29.58
C CYS D 74 26.12 35.25 -29.36
N ARG D 75 25.45 35.99 -30.23
CA ARG D 75 25.40 37.44 -30.12
C ARG D 75 24.69 37.89 -28.85
N LEU D 76 23.57 37.24 -28.54
CA LEU D 76 22.78 37.63 -27.38
C LEU D 76 23.52 37.34 -26.08
N LEU D 77 24.10 36.15 -25.98
CA LEU D 77 24.83 35.75 -24.79
C LEU D 77 26.11 36.55 -24.61
N THR D 78 26.77 36.87 -25.73
CA THR D 78 28.00 37.66 -25.68
C THR D 78 27.75 39.05 -25.13
N VAL D 79 26.76 39.75 -25.68
CA VAL D 79 26.44 41.10 -25.23
C VAL D 79 25.91 41.11 -23.80
N LEU D 80 25.16 40.07 -23.43
CA LEU D 80 24.64 39.97 -22.06
C LEU D 80 25.79 39.73 -21.08
N PHE D 81 26.79 38.95 -21.51
CA PHE D 81 27.98 38.73 -20.70
C PHE D 81 28.72 40.04 -20.47
N LEU D 82 28.89 40.81 -21.53
CA LEU D 82 29.59 42.10 -21.46
C LEU D 82 28.91 43.05 -20.50
N ILE D 83 27.58 43.09 -20.57
CA ILE D 83 26.79 43.93 -19.68
C ILE D 83 26.89 43.41 -18.25
N ASP D 84 26.92 42.09 -18.10
CA ASP D 84 27.00 41.45 -16.79
C ASP D 84 28.25 41.90 -16.04
N ASP D 85 29.36 42.04 -16.75
CA ASP D 85 30.59 42.53 -16.15
C ASP D 85 30.51 44.03 -15.84
N LEU D 86 29.87 44.77 -16.72
CA LEU D 86 29.72 46.21 -16.56
C LEU D 86 28.89 46.57 -15.34
N LEU D 87 27.88 45.75 -15.04
CA LEU D 87 26.99 46.01 -13.92
C LEU D 87 27.68 45.89 -12.57
N GLU D 88 28.83 45.22 -12.54
CA GLU D 88 29.55 45.00 -11.30
C GLU D 88 30.15 46.30 -10.73
N TYR D 89 30.29 47.31 -11.59
CA TYR D 89 30.86 48.58 -11.17
C TYR D 89 29.81 49.68 -11.02
N MET D 90 28.54 49.26 -10.91
CA MET D 90 27.45 50.20 -10.72
C MET D 90 26.69 49.86 -9.44
N SER D 91 25.86 50.79 -8.98
CA SER D 91 24.96 50.52 -7.88
C SER D 91 23.79 49.71 -8.40
N PHE D 92 22.93 49.24 -7.50
CA PHE D 92 21.71 48.56 -7.90
C PHE D 92 20.85 49.50 -8.72
N GLU D 93 20.93 50.79 -8.39
CA GLU D 93 20.14 51.82 -9.04
C GLU D 93 20.66 52.12 -10.45
N GLU D 94 21.96 52.42 -10.55
CA GLU D 94 22.60 52.70 -11.82
C GLU D 94 22.49 51.49 -12.75
N GLY D 95 22.61 50.30 -12.18
CA GLY D 95 22.55 49.07 -12.94
C GLY D 95 21.17 48.83 -13.54
N SER D 96 20.13 49.06 -12.74
CA SER D 96 18.76 48.86 -13.20
C SER D 96 18.42 49.86 -14.31
N ALA D 97 18.77 51.12 -14.10
CA ALA D 97 18.52 52.17 -15.08
C ALA D 97 19.21 51.85 -16.39
N TYR D 98 20.42 51.28 -16.29
CA TYR D 98 21.18 50.86 -17.45
C TYR D 98 20.42 49.79 -18.24
N ASN D 99 19.91 48.80 -17.52
CA ASN D 99 19.14 47.73 -18.13
C ASN D 99 17.77 48.18 -18.61
N GLU D 100 17.09 49.00 -17.81
CA GLU D 100 15.76 49.48 -18.14
C GLU D 100 15.77 50.33 -19.42
N LYS D 101 16.91 50.95 -19.70
CA LYS D 101 17.05 51.78 -20.89
C LYS D 101 17.15 50.90 -22.14
N LEU D 102 17.69 49.69 -21.96
CA LEU D 102 17.88 48.77 -23.07
C LEU D 102 16.64 47.93 -23.36
N ILE D 103 15.68 47.96 -22.43
CA ILE D 103 14.46 47.18 -22.57
C ILE D 103 13.53 47.64 -23.71
N PRO D 104 13.25 48.96 -23.82
CA PRO D 104 12.46 49.39 -24.98
C PRO D 104 13.20 49.15 -26.28
N ILE D 105 14.51 49.40 -26.28
CA ILE D 105 15.35 49.20 -27.46
C ILE D 105 15.30 47.75 -27.91
N SER D 106 15.18 46.84 -26.94
CA SER D 106 15.04 45.42 -27.24
C SER D 106 13.66 45.11 -27.84
N ARG D 107 12.71 46.02 -27.61
CA ARG D 107 11.35 45.84 -28.09
C ARG D 107 11.13 46.60 -29.39
N GLY D 108 12.18 47.23 -29.92
CA GLY D 108 12.05 48.00 -31.15
C GLY D 108 11.25 49.30 -31.00
N ASP D 109 10.56 49.45 -29.87
CA ASP D 109 9.75 50.64 -29.58
C ASP D 109 10.61 51.91 -29.61
N VAL D 110 11.78 51.88 -28.96
CA VAL D 110 12.67 53.06 -28.90
C VAL D 110 13.93 52.83 -29.76
N LEU D 111 14.21 53.76 -30.67
CA LEU D 111 15.36 53.63 -31.55
C LEU D 111 16.64 53.93 -30.78
N PRO D 112 17.73 53.24 -31.12
CA PRO D 112 19.00 53.36 -30.38
C PRO D 112 19.76 54.62 -30.73
N ASP D 113 20.46 55.18 -29.75
CA ASP D 113 21.42 56.25 -30.01
C ASP D 113 22.59 55.61 -30.73
N ARG D 114 22.76 55.96 -32.01
CA ARG D 114 23.80 55.36 -32.84
C ARG D 114 25.22 55.69 -32.37
N SER D 115 25.34 56.70 -31.52
CA SER D 115 26.64 57.07 -30.95
C SER D 115 26.99 56.21 -29.74
N ILE D 116 26.01 55.43 -29.27
CA ILE D 116 26.22 54.55 -28.14
C ILE D 116 26.13 53.10 -28.58
N PRO D 117 27.29 52.42 -28.67
CA PRO D 117 27.41 51.04 -29.17
C PRO D 117 26.42 50.06 -28.55
N VAL D 118 26.34 50.02 -27.22
CA VAL D 118 25.48 49.06 -26.54
C VAL D 118 24.02 49.21 -26.98
N GLU D 119 23.60 50.42 -27.28
CA GLU D 119 22.22 50.67 -27.69
C GLU D 119 21.90 50.12 -29.08
N TYR D 120 22.81 50.33 -30.03
CA TYR D 120 22.53 49.88 -31.40
C TYR D 120 22.90 48.41 -31.62
N ILE D 121 23.74 47.86 -30.76
CA ILE D 121 24.07 46.44 -30.82
C ILE D 121 22.87 45.61 -30.37
N ILE D 122 22.22 46.08 -29.30
CA ILE D 122 21.02 45.41 -28.80
C ILE D 122 19.88 45.49 -29.81
N TYR D 123 19.67 46.69 -30.37
CA TYR D 123 18.60 46.93 -31.32
C TYR D 123 18.72 46.04 -32.55
N ASP D 124 19.86 46.12 -33.24
CA ASP D 124 20.07 45.37 -34.47
C ASP D 124 19.98 43.86 -34.24
N LEU D 125 20.39 43.42 -33.06
CA LEU D 125 20.33 42.00 -32.72
C LEU D 125 18.88 41.52 -32.71
N TRP D 126 18.05 42.19 -31.92
CA TRP D 126 16.65 41.82 -31.80
C TRP D 126 15.91 41.99 -33.13
N GLU D 127 16.33 42.95 -33.94
CA GLU D 127 15.75 43.15 -35.26
C GLU D 127 16.01 41.95 -36.15
N SER D 128 17.28 41.54 -36.22
CA SER D 128 17.67 40.40 -37.05
C SER D 128 17.01 39.11 -36.57
N MET D 129 16.78 39.02 -35.27
CA MET D 129 16.11 37.86 -34.69
C MET D 129 14.62 37.85 -35.02
N ARG D 130 13.98 39.01 -34.91
CA ARG D 130 12.58 39.14 -35.30
C ARG D 130 12.42 38.88 -36.80
N ALA D 131 13.27 39.52 -37.59
CA ALA D 131 13.21 39.41 -39.05
C ALA D 131 13.44 37.99 -39.53
N HIS D 132 14.00 37.16 -38.66
CA HIS D 132 14.25 35.76 -39.00
C HIS D 132 13.10 34.86 -38.55
N ASP D 133 12.48 35.24 -37.42
CA ASP D 133 11.41 34.46 -36.82
C ASP D 133 10.80 35.27 -35.68
N ARG D 134 9.91 36.20 -36.00
CA ARG D 134 9.37 37.11 -34.99
C ARG D 134 8.59 36.38 -33.89
N GLU D 135 8.05 35.21 -34.22
CA GLU D 135 7.27 34.45 -33.24
C GLU D 135 8.18 33.86 -32.16
N MET D 136 9.17 33.08 -32.58
CA MET D 136 10.09 32.46 -31.63
C MET D 136 11.07 33.45 -31.01
N ALA D 137 11.16 34.64 -31.59
CA ALA D 137 12.05 35.67 -31.06
C ALA D 137 11.37 36.49 -29.97
N ASP D 138 10.08 36.74 -30.14
CA ASP D 138 9.32 37.52 -29.17
C ASP D 138 9.07 36.75 -27.87
N GLU D 139 9.40 35.45 -27.88
CA GLU D 139 9.23 34.62 -26.70
C GLU D 139 10.50 34.58 -25.85
N ILE D 140 11.49 35.37 -26.23
CA ILE D 140 12.74 35.45 -25.49
C ILE D 140 12.82 36.77 -24.73
N LEU D 141 12.08 37.76 -25.24
CA LEU D 141 12.10 39.11 -24.69
C LEU D 141 11.78 39.16 -23.20
N GLU D 142 10.62 38.65 -22.81
CA GLU D 142 10.21 38.64 -21.41
C GLU D 142 11.13 37.83 -20.47
N PRO D 143 11.57 36.64 -20.90
CA PRO D 143 12.56 35.94 -20.07
C PRO D 143 13.84 36.74 -19.86
N VAL D 144 14.32 37.41 -20.91
CA VAL D 144 15.52 38.23 -20.81
C VAL D 144 15.32 39.40 -19.86
N PHE D 145 14.17 40.05 -19.96
CA PHE D 145 13.85 41.18 -19.09
C PHE D 145 13.74 40.73 -17.64
N LEU D 146 13.29 39.49 -17.44
CA LEU D 146 13.21 38.89 -16.13
C LEU D 146 14.61 38.74 -15.55
N PHE D 147 15.50 38.17 -16.35
CA PHE D 147 16.90 38.00 -15.99
C PHE D 147 17.59 39.34 -15.76
N MET D 148 17.25 40.33 -16.57
CA MET D 148 17.86 41.66 -16.46
C MET D 148 17.51 42.35 -15.14
N ARG D 149 16.24 42.29 -14.77
CA ARG D 149 15.78 42.94 -13.54
C ARG D 149 16.23 42.19 -12.30
N ALA D 150 16.57 40.91 -12.46
CA ALA D 150 17.06 40.11 -11.36
C ALA D 150 18.53 40.44 -11.05
N GLN D 151 19.24 40.95 -12.05
CA GLN D 151 20.65 41.30 -11.91
C GLN D 151 20.87 42.42 -10.90
N THR D 152 19.87 43.28 -10.73
CA THR D 152 19.98 44.42 -9.83
C THR D 152 18.96 44.35 -8.70
N ASP D 153 18.39 43.15 -8.50
CA ASP D 153 17.41 42.94 -7.45
C ASP D 153 18.02 43.20 -6.08
N ARG D 154 17.35 44.02 -5.28
CA ARG D 154 17.87 44.41 -3.96
C ARG D 154 18.06 43.23 -3.02
N THR D 155 17.45 42.09 -3.35
CA THR D 155 17.58 40.88 -2.55
C THR D 155 19.02 40.37 -2.49
N ARG D 156 19.85 40.87 -3.41
CA ARG D 156 21.26 40.48 -3.45
C ARG D 156 22.03 41.03 -2.25
N ALA D 157 21.51 42.09 -1.65
CA ALA D 157 22.17 42.72 -0.52
C ALA D 157 21.56 42.28 0.82
N ARG D 158 20.72 41.26 0.77
CA ARG D 158 20.13 40.69 1.97
C ARG D 158 20.66 39.28 2.19
N PRO D 159 20.77 38.85 3.45
CA PRO D 159 21.19 37.48 3.76
C PRO D 159 20.24 36.46 3.13
N MET D 160 20.79 35.44 2.49
CA MET D 160 19.97 34.42 1.85
C MET D 160 20.39 33.02 2.25
N GLY D 161 19.40 32.16 2.48
CA GLY D 161 19.66 30.75 2.67
C GLY D 161 19.89 30.09 1.32
N LEU D 162 20.28 28.83 1.33
CA LEU D 162 20.54 28.12 0.09
C LEU D 162 19.27 27.98 -0.75
N GLY D 163 18.16 27.66 -0.07
CA GLY D 163 16.88 27.51 -0.73
C GLY D 163 16.42 28.81 -1.39
N GLY D 164 16.44 29.89 -0.62
CA GLY D 164 16.02 31.19 -1.12
C GLY D 164 16.88 31.68 -2.27
N TYR D 165 18.17 31.34 -2.21
CA TYR D 165 19.14 31.71 -3.23
C TYR D 165 18.85 31.01 -4.55
N LEU D 166 18.73 29.69 -4.49
CA LEU D 166 18.46 28.86 -5.67
C LEU D 166 17.15 29.25 -6.34
N GLU D 167 16.19 29.71 -5.55
CA GLU D 167 14.92 30.20 -6.08
C GLU D 167 15.18 31.47 -6.86
N TYR D 168 15.98 32.35 -6.28
CA TYR D 168 16.30 33.63 -6.92
C TYR D 168 17.19 33.49 -8.14
N ARG D 169 18.16 32.60 -8.03
CA ARG D 169 19.24 32.47 -9.01
C ARG D 169 18.71 31.99 -10.35
N GLU D 170 17.59 31.29 -10.32
CA GLU D 170 16.93 30.81 -11.51
C GLU D 170 16.64 31.97 -12.47
N ARG D 171 16.40 33.15 -11.91
CA ARG D 171 16.21 34.35 -12.70
C ARG D 171 17.54 35.02 -13.03
N ASP D 172 18.43 35.11 -12.04
CA ASP D 172 19.72 35.77 -12.24
C ASP D 172 20.65 35.00 -13.16
N VAL D 173 20.47 33.69 -13.24
CA VAL D 173 21.25 32.87 -14.15
C VAL D 173 20.53 32.83 -15.51
N GLY D 174 19.31 33.36 -15.53
CA GLY D 174 18.54 33.46 -16.76
C GLY D 174 18.09 32.13 -17.33
N LYS D 175 17.60 31.26 -16.47
CA LYS D 175 17.13 29.93 -16.88
C LYS D 175 16.09 30.00 -17.99
N GLU D 176 15.11 30.88 -17.84
CA GLU D 176 14.03 31.02 -18.82
C GLU D 176 14.54 31.46 -20.18
N LEU D 177 15.41 32.47 -20.20
CA LEU D 177 15.93 32.98 -21.46
C LEU D 177 16.75 31.93 -22.18
N LEU D 178 17.49 31.13 -21.42
CA LEU D 178 18.27 30.03 -21.99
C LEU D 178 17.34 29.02 -22.65
N ALA D 179 16.19 28.79 -22.03
CA ALA D 179 15.20 27.86 -22.55
C ALA D 179 14.61 28.38 -23.86
N ALA D 180 14.16 29.63 -23.83
CA ALA D 180 13.58 30.26 -25.00
C ALA D 180 14.60 30.43 -26.13
N LEU D 181 15.85 30.67 -25.75
CA LEU D 181 16.91 30.84 -26.74
C LEU D 181 17.22 29.51 -27.42
N MET D 182 17.33 28.46 -26.63
CA MET D 182 17.60 27.12 -27.16
C MET D 182 16.48 26.69 -28.10
N ARG D 183 15.24 26.99 -27.71
CA ARG D 183 14.09 26.66 -28.53
C ARG D 183 14.11 27.47 -29.82
N PHE D 184 14.41 28.76 -29.71
CA PHE D 184 14.56 29.63 -30.86
C PHE D 184 15.63 29.09 -31.81
N SER D 185 16.81 28.84 -31.26
CA SER D 185 17.97 28.45 -32.06
C SER D 185 17.81 27.07 -32.71
N MET D 186 17.01 26.20 -32.09
CA MET D 186 16.85 24.84 -32.60
C MET D 186 15.64 24.71 -33.51
N GLY D 187 14.70 25.64 -33.41
CA GLY D 187 13.48 25.58 -34.19
C GLY D 187 12.45 24.69 -33.53
N LEU D 188 12.58 24.50 -32.22
CA LEU D 188 11.68 23.64 -31.46
C LEU D 188 10.48 24.42 -30.92
N LYS D 189 9.30 24.15 -31.47
CA LYS D 189 8.08 24.77 -30.98
C LYS D 189 7.32 23.81 -30.06
N LEU D 190 6.79 24.35 -28.97
CA LEU D 190 6.08 23.54 -27.99
C LEU D 190 4.79 24.22 -27.54
N SER D 191 3.76 23.41 -27.30
CA SER D 191 2.50 23.93 -26.77
C SER D 191 2.64 24.19 -25.27
N PRO D 192 1.83 25.12 -24.74
CA PRO D 192 1.84 25.43 -23.30
C PRO D 192 1.62 24.19 -22.43
N SER D 193 0.94 23.19 -22.96
CA SER D 193 0.75 21.92 -22.26
C SER D 193 2.07 21.16 -22.17
N GLU D 194 2.89 21.27 -23.21
CA GLU D 194 4.20 20.62 -23.21
C GLU D 194 5.15 21.38 -22.30
N LEU D 195 4.95 22.70 -22.19
CA LEU D 195 5.67 23.52 -21.24
C LEU D 195 5.29 23.12 -19.82
N GLN D 196 4.02 22.72 -19.67
CA GLN D 196 3.49 22.33 -18.37
C GLN D 196 4.13 21.06 -17.85
N ARG D 197 4.43 20.13 -18.76
CA ARG D 197 4.98 18.84 -18.41
C ARG D 197 6.42 18.90 -17.88
N VAL D 198 7.05 20.07 -17.94
CA VAL D 198 8.49 20.15 -17.69
C VAL D 198 8.97 21.27 -16.77
N ARG D 199 8.07 21.90 -16.03
CA ARG D 199 8.48 22.97 -15.12
C ARG D 199 9.27 22.41 -13.93
N GLU D 200 9.12 21.11 -13.70
CA GLU D 200 9.86 20.42 -12.64
C GLU D 200 11.28 20.13 -13.12
N ILE D 201 11.40 19.73 -14.38
CA ILE D 201 12.69 19.43 -14.98
C ILE D 201 13.48 20.72 -15.18
N ASP D 202 12.77 21.82 -15.43
CA ASP D 202 13.40 23.12 -15.59
C ASP D 202 14.01 23.63 -14.30
N ALA D 203 13.26 23.50 -13.20
CA ALA D 203 13.71 23.95 -11.90
C ALA D 203 14.98 23.23 -11.47
N ASN D 204 15.01 21.92 -11.73
CA ASN D 204 16.17 21.11 -11.39
C ASN D 204 17.39 21.45 -12.24
N CYS D 205 17.15 21.69 -13.53
CA CYS D 205 18.21 22.03 -14.46
C CYS D 205 18.87 23.35 -14.09
N SER D 206 18.04 24.32 -13.69
CA SER D 206 18.52 25.64 -13.31
C SER D 206 19.51 25.59 -12.17
N LYS D 207 19.21 24.77 -11.16
CA LYS D 207 20.07 24.62 -10.00
C LYS D 207 21.45 24.11 -10.41
N HIS D 208 21.47 23.19 -11.37
CA HIS D 208 22.72 22.63 -11.87
C HIS D 208 23.56 23.70 -12.56
N LEU D 209 22.92 24.46 -13.45
CA LEU D 209 23.59 25.55 -14.15
C LEU D 209 24.15 26.57 -13.19
N SER D 210 23.31 26.99 -12.24
CA SER D 210 23.66 28.02 -11.27
C SER D 210 24.88 27.62 -10.43
N VAL D 211 24.80 26.44 -9.81
CA VAL D 211 25.83 26.00 -8.87
C VAL D 211 27.16 25.66 -9.55
N VAL D 212 27.10 24.99 -10.69
CA VAL D 212 28.30 24.68 -11.45
C VAL D 212 29.05 25.96 -11.81
N ASN D 213 28.31 26.99 -12.21
CA ASN D 213 28.89 28.29 -12.48
C ASN D 213 29.45 28.94 -11.21
N ASP D 214 28.70 28.85 -10.12
CA ASP D 214 29.13 29.40 -8.84
C ASP D 214 30.48 28.83 -8.41
N ILE D 215 30.63 27.53 -8.58
CA ILE D 215 31.86 26.84 -8.20
C ILE D 215 33.08 27.36 -8.94
N TYR D 216 32.98 27.46 -10.26
CA TYR D 216 34.11 27.85 -11.10
C TYR D 216 34.34 29.35 -11.17
N SER D 217 33.28 30.13 -11.01
CA SER D 217 33.40 31.58 -11.11
C SER D 217 33.62 32.24 -9.76
N TYR D 218 33.84 31.42 -8.73
CA TYR D 218 33.95 31.94 -7.38
C TYR D 218 35.12 32.90 -7.18
N GLU D 219 36.31 32.46 -7.56
CA GLU D 219 37.51 33.27 -7.37
C GLU D 219 37.43 34.59 -8.13
N LYS D 220 36.81 34.54 -9.30
CA LYS D 220 36.56 35.75 -10.08
C LYS D 220 35.64 36.69 -9.30
N GLU D 221 34.57 36.14 -8.77
CA GLU D 221 33.56 36.93 -8.07
C GLU D 221 34.00 37.34 -6.67
N LEU D 222 34.94 36.60 -6.10
CA LEU D 222 35.52 36.97 -4.81
C LEU D 222 36.34 38.23 -5.02
N TYR D 223 37.14 38.23 -6.09
CA TYR D 223 37.99 39.36 -6.42
C TYR D 223 37.17 40.63 -6.68
N THR D 224 36.10 40.49 -7.46
CA THR D 224 35.26 41.64 -7.81
C THR D 224 34.56 42.22 -6.60
N SER D 225 34.24 41.37 -5.63
CA SER D 225 33.56 41.82 -4.42
C SER D 225 34.46 42.73 -3.59
N LYS D 226 35.77 42.54 -3.74
CA LYS D 226 36.75 43.32 -3.00
C LYS D 226 37.23 44.54 -3.78
N THR D 227 36.91 44.59 -5.07
CA THR D 227 37.49 45.60 -5.95
C THR D 227 36.47 46.47 -6.68
N ALA D 228 35.29 45.91 -6.95
CA ALA D 228 34.27 46.64 -7.70
C ALA D 228 33.34 47.44 -6.79
N HIS D 229 32.13 47.70 -7.28
CA HIS D 229 31.16 48.47 -6.51
C HIS D 229 30.62 47.67 -5.34
N SER D 230 30.33 48.35 -4.24
CA SER D 230 29.87 47.69 -3.02
C SER D 230 28.52 47.01 -3.18
N GLU D 231 27.78 47.42 -4.20
CA GLU D 231 26.47 46.80 -4.48
C GLU D 231 26.54 45.90 -5.70
N GLY D 232 27.11 46.42 -6.79
CA GLY D 232 27.18 45.68 -8.04
C GLY D 232 28.10 44.48 -7.97
N GLY D 233 29.20 44.62 -7.25
CA GLY D 233 30.19 43.56 -7.17
C GLY D 233 29.94 42.61 -6.02
N ILE D 234 28.82 42.78 -5.33
CA ILE D 234 28.52 42.01 -4.12
C ILE D 234 28.60 40.49 -4.35
N LEU D 235 29.14 39.77 -3.38
CA LEU D 235 29.36 38.34 -3.51
C LEU D 235 28.09 37.56 -3.23
N CYS D 236 27.38 37.20 -4.29
CA CYS D 236 26.12 36.48 -4.19
C CYS D 236 26.26 35.12 -4.87
N THR D 237 26.57 34.09 -4.10
CA THR D 237 26.87 32.78 -4.67
C THR D 237 26.63 31.64 -3.68
N SER D 238 26.30 30.47 -4.22
CA SER D 238 26.03 29.28 -3.40
C SER D 238 27.27 28.83 -2.64
N VAL D 239 28.45 29.08 -3.20
CA VAL D 239 29.70 28.72 -2.57
C VAL D 239 29.88 29.44 -1.23
N GLN D 240 29.67 30.75 -1.25
CA GLN D 240 29.81 31.56 -0.04
C GLN D 240 28.74 31.20 0.99
N ILE D 241 27.51 30.98 0.51
CA ILE D 241 26.40 30.65 1.39
C ILE D 241 26.63 29.34 2.13
N LEU D 242 26.97 28.28 1.39
CA LEU D 242 27.23 26.98 2.01
C LEU D 242 28.42 27.05 2.95
N ALA D 243 29.47 27.76 2.54
CA ALA D 243 30.66 27.92 3.37
C ALA D 243 30.31 28.58 4.69
N GLN D 244 29.40 29.55 4.64
CA GLN D 244 28.95 30.24 5.86
C GLN D 244 28.07 29.34 6.71
N GLU D 245 27.10 28.67 6.08
CA GLU D 245 26.14 27.85 6.80
C GLU D 245 26.77 26.61 7.43
N ALA D 246 27.76 26.04 6.74
CA ALA D 246 28.41 24.82 7.22
C ALA D 246 29.71 25.09 7.95
N ASP D 247 30.13 26.36 7.94
CA ASP D 247 31.38 26.79 8.56
C ASP D 247 32.58 26.03 8.02
N VAL D 248 32.75 26.07 6.70
CA VAL D 248 33.89 25.48 6.03
C VAL D 248 34.48 26.49 5.05
N THR D 249 35.66 26.18 4.52
CA THR D 249 36.27 27.06 3.53
C THR D 249 35.46 27.01 2.24
N ALA D 250 35.65 28.02 1.39
CA ALA D 250 34.95 28.09 0.12
C ALA D 250 35.33 26.91 -0.76
N GLU D 251 36.58 26.47 -0.64
CA GLU D 251 37.08 25.36 -1.43
C GLU D 251 36.43 24.05 -0.98
N ALA D 252 36.13 23.95 0.30
CA ALA D 252 35.43 22.79 0.83
C ALA D 252 33.99 22.80 0.37
N ALA D 253 33.39 23.99 0.32
CA ALA D 253 32.01 24.14 -0.12
C ALA D 253 31.85 23.76 -1.59
N LYS D 254 32.90 24.01 -2.38
CA LYS D 254 32.89 23.66 -3.80
C LYS D 254 32.73 22.15 -3.99
N ARG D 255 33.56 21.39 -3.29
CA ARG D 255 33.55 19.93 -3.39
C ARG D 255 32.19 19.35 -3.01
N VAL D 256 31.59 19.91 -1.98
CA VAL D 256 30.27 19.47 -1.51
C VAL D 256 29.18 19.82 -2.51
N LEU D 257 29.23 21.05 -3.03
CA LEU D 257 28.26 21.52 -4.01
C LEU D 257 28.34 20.71 -5.31
N PHE D 258 29.53 20.24 -5.64
CA PHE D 258 29.75 19.47 -6.86
C PHE D 258 29.05 18.12 -6.77
N VAL D 259 29.20 17.46 -5.63
CA VAL D 259 28.50 16.21 -5.35
C VAL D 259 27.00 16.43 -5.44
N MET D 260 26.56 17.58 -4.94
CA MET D 260 25.15 17.98 -5.01
C MET D 260 24.69 18.10 -6.46
N CYS D 261 25.54 18.63 -7.31
CA CYS D 261 25.22 18.79 -8.73
C CYS D 261 24.96 17.44 -9.39
N ARG D 262 25.76 16.45 -9.04
CA ARG D 262 25.61 15.11 -9.58
C ARG D 262 24.28 14.50 -9.14
N GLU D 263 23.81 14.88 -7.96
CA GLU D 263 22.52 14.42 -7.48
C GLU D 263 21.38 15.06 -8.27
N TRP D 264 21.59 16.30 -8.71
CA TRP D 264 20.63 16.99 -9.56
C TRP D 264 20.60 16.36 -10.95
N GLU D 265 21.72 15.76 -11.34
CA GLU D 265 21.81 15.06 -12.62
C GLU D 265 21.02 13.76 -12.55
N LEU D 266 21.19 13.02 -11.45
CA LEU D 266 20.41 11.83 -11.20
C LEU D 266 18.94 12.21 -11.17
N ARG D 267 18.63 13.32 -10.51
CA ARG D 267 17.28 13.84 -10.41
C ARG D 267 16.72 14.11 -11.81
N HIS D 268 17.57 14.60 -12.71
CA HIS D 268 17.16 14.92 -14.07
C HIS D 268 16.72 13.67 -14.83
N GLN D 269 17.63 12.72 -15.00
CA GLN D 269 17.34 11.52 -15.76
C GLN D 269 16.36 10.59 -15.06
N LEU D 270 16.19 10.78 -13.75
CA LEU D 270 15.15 10.06 -13.01
C LEU D 270 13.80 10.65 -13.43
N LEU D 271 13.75 11.97 -13.49
CA LEU D 271 12.54 12.70 -13.85
C LEU D 271 12.21 12.53 -15.32
N VAL D 272 13.22 12.19 -16.12
CA VAL D 272 13.04 11.98 -17.55
C VAL D 272 12.27 10.68 -17.82
N ALA D 273 12.70 9.60 -17.17
CA ALA D 273 12.04 8.31 -17.32
C ALA D 273 10.60 8.37 -16.81
N ARG D 274 10.34 9.28 -15.88
CA ARG D 274 9.02 9.44 -15.30
C ARG D 274 8.13 10.37 -16.12
N LEU D 275 8.60 10.78 -17.28
CA LEU D 275 7.80 11.58 -18.20
C LEU D 275 7.22 10.68 -19.28
N SER D 276 7.98 9.65 -19.65
CA SER D 276 7.55 8.69 -20.66
C SER D 276 6.74 7.56 -20.04
N ALA D 277 7.10 7.19 -18.82
CA ALA D 277 6.35 6.19 -18.07
C ALA D 277 4.99 6.75 -17.67
N GLU D 278 4.90 8.07 -17.63
CA GLU D 278 3.65 8.76 -17.36
C GLU D 278 2.93 9.01 -18.68
N GLY D 279 3.67 8.84 -19.78
CA GLY D 279 3.10 8.93 -21.10
C GLY D 279 2.87 10.35 -21.60
N LEU D 280 3.76 11.26 -21.24
CA LEU D 280 3.65 12.65 -21.68
C LEU D 280 4.87 13.10 -22.48
N GLU D 281 5.67 12.14 -22.92
CA GLU D 281 6.88 12.45 -23.66
C GLU D 281 6.64 12.55 -25.17
N THR D 282 6.30 13.75 -25.63
CA THR D 282 6.20 14.02 -27.05
C THR D 282 7.62 14.16 -27.61
N PRO D 283 7.82 13.79 -28.89
CA PRO D 283 9.16 13.76 -29.50
C PRO D 283 9.93 15.08 -29.38
N GLY D 284 9.21 16.20 -29.34
CA GLY D 284 9.84 17.50 -29.19
C GLY D 284 10.29 17.73 -27.76
N LEU D 285 9.52 17.19 -26.82
CA LEU D 285 9.86 17.26 -25.40
C LEU D 285 11.07 16.39 -25.12
N ALA D 286 11.24 15.34 -25.91
CA ALA D 286 12.37 14.44 -25.78
C ALA D 286 13.65 15.13 -26.23
N ALA D 287 13.53 16.03 -27.19
CA ALA D 287 14.67 16.81 -27.67
C ALA D 287 14.98 17.93 -26.69
N TYR D 288 13.94 18.54 -26.14
CA TYR D 288 14.07 19.64 -25.20
C TYR D 288 14.84 19.23 -23.95
N VAL D 289 14.42 18.11 -23.35
CA VAL D 289 15.06 17.63 -22.13
C VAL D 289 16.47 17.11 -22.41
N GLU D 290 16.71 16.71 -23.65
CA GLU D 290 18.07 16.36 -24.07
C GLU D 290 18.85 17.64 -24.27
N GLY D 291 18.14 18.68 -24.71
CA GLY D 291 18.73 19.98 -24.90
C GLY D 291 19.17 20.59 -23.58
N LEU D 292 18.39 20.34 -22.53
CA LEU D 292 18.72 20.82 -21.20
C LEU D 292 19.96 20.13 -20.66
N GLU D 293 20.10 18.84 -20.96
CA GLU D 293 21.27 18.09 -20.53
C GLU D 293 22.54 18.65 -21.16
N TYR D 294 22.43 19.05 -22.43
CA TYR D 294 23.56 19.59 -23.16
C TYR D 294 24.07 20.89 -22.55
N GLN D 295 23.14 21.80 -22.25
CA GLN D 295 23.53 23.08 -21.69
C GLN D 295 23.95 22.96 -20.22
N MET D 296 23.60 21.84 -19.59
CA MET D 296 24.09 21.54 -18.25
C MET D 296 25.53 21.02 -18.33
N SER D 297 25.76 20.09 -19.24
CA SER D 297 27.09 19.51 -19.44
C SER D 297 28.00 20.46 -20.18
N GLY D 298 27.42 21.24 -21.10
CA GLY D 298 28.18 22.22 -21.86
C GLY D 298 28.65 23.35 -20.96
N ASN D 299 27.78 23.75 -20.04
CA ASN D 299 28.12 24.77 -19.05
C ASN D 299 29.32 24.34 -18.22
N GLU D 300 29.34 23.07 -17.82
CA GLU D 300 30.43 22.54 -17.02
C GLU D 300 31.74 22.48 -17.81
N LEU D 301 31.67 21.97 -19.04
CA LEU D 301 32.85 21.85 -19.89
C LEU D 301 33.51 23.22 -20.08
N TRP D 302 32.70 24.21 -20.42
CA TRP D 302 33.22 25.56 -20.65
C TRP D 302 33.80 26.15 -19.38
N SER D 303 33.05 26.05 -18.29
CA SER D 303 33.49 26.59 -16.99
C SER D 303 34.84 26.03 -16.57
N GLN D 304 35.09 24.77 -16.90
CA GLN D 304 36.33 24.10 -16.54
C GLN D 304 37.52 24.62 -17.35
N THR D 305 37.25 25.14 -18.54
CA THR D 305 38.31 25.49 -19.48
C THR D 305 38.53 26.98 -19.70
N THR D 306 37.44 27.75 -19.70
CA THR D 306 37.51 29.17 -20.04
C THR D 306 38.47 29.97 -19.16
N LEU D 307 39.22 30.88 -19.79
CA LEU D 307 40.20 31.70 -19.09
C LEU D 307 39.51 32.79 -18.26
N ARG D 308 38.21 32.96 -18.48
CA ARG D 308 37.41 33.91 -17.73
C ARG D 308 37.39 33.56 -16.24
N TYR D 309 37.43 32.27 -15.94
CA TYR D 309 37.32 31.81 -14.56
C TYR D 309 38.67 31.43 -13.94
N SER D 310 39.66 31.16 -14.79
CA SER D 310 40.97 30.73 -14.31
C SER D 310 41.98 31.87 -14.25
N VAL D 311 41.70 32.95 -14.98
CA VAL D 311 42.58 34.12 -14.98
C VAL D 311 41.80 35.38 -14.63
#